data_9JS6
#
_entry.id   9JS6
#
_cell.length_a   1.00
_cell.length_b   1.00
_cell.length_c   1.00
_cell.angle_alpha   90.00
_cell.angle_beta   90.00
_cell.angle_gamma   90.00
#
_symmetry.space_group_name_H-M   'P 1'
#
loop_
_entity.id
_entity.type
_entity.pdbx_description
1 polymer 'Envelope protein E'
2 polymer 'Genome polyprotein'
3 polymer 'antibody heavy chain'
4 polymer 'antibody light chain'
#
loop_
_entity_poly.entity_id
_entity_poly.type
_entity_poly.pdbx_seq_one_letter_code
_entity_poly.pdbx_strand_id
1 'polypeptide(L)'
;RCIGVSNRDFVEGMSGGTWVDVVLEHGGCVTVMAQDKPTVDIELVTTTVSNMAEVRSYCYEASISDMASDSRCPTQGEAY
LDKQSDTQYVCKRTLVDRGWGNGCGLFGKGSLVTCAKFACSKKMTGKSIQPENLEYRIMLSVHGSQHSGMIVNDTGHETD
ENRAKVEITPNSPRAEATLGGFGSLGLDCEPRTGLDFSDLYYLTMNNKHWLVHKEWFHDIPLPWHAGADTGTPHWNNKEA
LVEFKDAHAKRQTVVVLGSQEGAVHTALAGALEAEMDGAKGRLSSGHLKCRLKMDKLRLKGVSYSLCTAAFTFTKIPAET
LHGTVTVEVQYAGTDGPCKVPAQMAVDMQTLTPVGRLITANPVITESTENSKMMLELDPPFGDSYIVIGVGEKKITHHWH
RSGSTIGKAFEATVRGAKRMAVLGDTAWDFGSVGGALNSLGKGIHQIFGAAFKSLFGGMSWFSQILIGTLLMWLGLNTKN
GSISLMCLALGGVLIFLSTAVSA
;
A,B,C
2 'polypeptide(L)'
;RGSAYYMYLDRNDAGEAISFPTTLGMNKCYIQIMDLGHMCDATMSYECPMLDEGVEPDDVDCWCNTTSTWVVYGTCHHKK
GEARRSRRAVTLPSHSTRKLQTRSQTWLESREYTKHLIRVENWIFRNPGFALAAAAIAWLLGSSTSQKVIYLVMILLIAP
AYS
;
D,E,F
3 'polypeptide(L)'
;EVHLLESGGGLVQPGGSLRLSCAASGFTFDTYAMSWVRQPPGKGLEWVSAISTGGGSKYYADSVKGRLTISRDNSQNTLY
LQMSSLRADDTAVYYCARSDFWRSGRYYYYMDVWGRGTTVT
;
H
4 'polypeptide(L)'
;SALTQPASVSASPGQSITISCTGTHFDIVDYDYLSWYQQHPGNAPKLLIYGVSNRPSGVSSRFSGSKSGNTASLTISGLQ
AEDEGDYYCSSYSISSTLLVFGGGTKLSVV
;
L
#
# COMPACT_ATOMS: atom_id res chain seq x y z
CA ARG A 1 19.87 38.16 -49.01
CA CYS A 2 18.84 34.55 -48.31
CA ILE A 3 20.04 33.57 -51.77
CA GLY A 4 21.21 30.13 -50.61
CA VAL A 5 18.15 29.40 -48.43
CA SER A 6 15.03 27.94 -50.03
CA ASN A 7 12.78 29.19 -47.22
CA ARG A 8 11.89 32.86 -47.67
CA ASP A 9 8.98 35.29 -47.21
CA PHE A 10 8.00 36.77 -50.61
CA VAL A 11 5.78 39.45 -49.08
CA GLU A 12 2.92 40.77 -51.21
CA GLY A 13 1.67 44.35 -51.23
CA MET A 14 -0.04 46.82 -53.50
CA SER A 15 2.09 49.25 -55.50
CA GLY A 16 2.14 52.37 -53.33
CA GLY A 17 4.06 54.39 -50.81
CA THR A 18 2.02 54.20 -47.61
CA TRP A 19 -0.87 52.08 -48.91
CA VAL A 20 -0.20 48.55 -47.65
CA ASP A 21 1.70 46.70 -44.91
CA VAL A 22 4.44 44.08 -45.17
CA VAL A 23 5.32 41.02 -43.07
CA LEU A 24 8.54 39.58 -41.64
CA GLU A 25 9.33 36.31 -39.90
CA HIS A 26 12.31 34.25 -38.74
CA GLY A 27 14.30 32.69 -41.56
CA GLY A 28 12.88 34.97 -44.25
CA CYS A 29 13.15 38.54 -45.47
CA VAL A 30 11.81 40.94 -48.11
CA THR A 31 12.77 39.99 -51.66
CA VAL A 32 12.55 40.72 -55.40
CA MET A 33 9.52 41.28 -57.70
CA ALA A 34 8.25 44.59 -56.38
CA GLN A 35 7.94 47.74 -58.49
CA ASP A 36 11.12 49.54 -59.56
CA LYS A 37 13.31 48.49 -56.65
CA PRO A 38 15.94 50.76 -55.11
CA THR A 39 16.28 48.41 -52.17
CA VAL A 40 18.63 47.51 -49.33
CA ASP A 41 19.23 44.17 -47.62
CA ILE A 42 17.39 43.10 -44.48
CA GLU A 43 18.89 40.92 -41.74
CA LEU A 44 17.17 39.67 -38.60
CA VAL A 45 19.54 37.45 -36.61
CA THR A 46 20.61 39.52 -33.57
CA THR A 47 19.40 39.74 -29.98
CA THR A 48 20.26 41.77 -26.88
CA VAL A 49 18.58 42.59 -23.58
CA SER A 50 19.42 46.31 -23.33
CA ASN A 51 19.71 47.11 -19.58
CA MET A 52 17.72 44.22 -18.13
CA ALA A 53 16.05 43.99 -14.72
CA GLU A 54 16.07 41.15 -12.19
CA VAL A 55 13.08 39.49 -10.53
CA ARG A 56 14.43 36.12 -9.34
CA SER A 57 16.28 34.95 -6.23
CA TYR A 58 18.09 31.68 -5.57
CA CYS A 59 21.67 30.39 -5.82
CA TYR A 60 23.76 27.25 -5.41
CA GLU A 61 27.15 27.16 -3.66
CA ALA A 62 28.91 25.71 -0.61
CA SER A 63 29.77 27.83 2.43
CA ILE A 64 29.74 27.67 6.23
CA SER A 65 31.35 29.95 8.82
CA ASP A 66 31.99 30.24 12.57
CA MET A 67 29.20 27.82 13.66
CA ALA A 68 28.19 29.88 16.70
CA SER A 69 26.56 28.07 19.64
CA ASP A 70 25.80 28.40 23.36
CA SER A 71 25.47 26.09 26.36
CA ARG A 72 23.62 26.19 29.69
CA CYS A 73 22.32 23.65 32.23
CA PRO A 74 18.55 23.12 32.67
CA THR A 75 16.46 24.03 35.73
CA GLN A 76 18.34 27.37 35.85
CA GLY A 77 17.72 29.06 32.51
CA GLU A 78 17.95 28.89 28.74
CA ALA A 79 20.60 31.67 28.66
CA TYR A 80 18.28 33.57 26.28
CA LEU A 81 20.26 33.13 23.07
CA ASP A 82 20.06 36.33 21.03
CA LYS A 83 20.46 35.16 17.42
CA GLN A 84 16.72 35.25 16.58
CA SER A 85 16.76 38.96 15.80
CA ASP A 86 20.03 38.79 13.85
CA THR A 87 19.53 38.15 10.14
CA GLN A 88 23.04 36.76 9.57
CA TYR A 89 22.63 33.95 12.12
CA VAL A 90 19.47 31.81 12.15
CA CYS A 91 18.16 30.51 15.48
CA LYS A 92 16.40 27.15 15.81
CA ARG A 93 14.71 25.32 18.66
CA THR A 94 15.08 21.53 18.91
CA LEU A 95 13.24 19.41 21.47
CA VAL A 96 14.94 16.07 22.17
CA ASP A 97 15.63 13.98 25.25
CA ARG A 98 19.17 14.21 26.65
CA GLY A 99 21.08 11.66 28.69
CA TRP A 100 22.06 12.27 32.30
CA GLY A 101 25.54 13.59 33.06
CA ASN A 102 26.74 13.99 29.47
CA GLY A 103 26.64 17.78 29.10
CA CYS A 104 23.97 18.93 31.55
CA GLY A 105 23.74 16.38 34.36
CA LEU A 106 19.94 16.51 34.75
CA PHE A 107 17.43 14.57 32.66
CA GLY A 108 14.92 17.00 31.22
CA LYS A 109 13.59 18.83 28.19
CA GLY A 110 16.68 20.62 26.88
CA SER A 111 17.10 22.80 23.81
CA LEU A 112 19.44 23.23 20.84
CA VAL A 113 20.18 26.16 18.52
CA THR A 114 23.54 25.62 16.76
CA CYS A 115 23.33 28.79 14.68
CA ALA A 116 25.61 29.48 11.73
CA LYS A 117 26.59 32.15 9.21
CA PHE A 118 25.85 31.70 5.51
CA ALA A 119 28.40 34.03 3.81
CA CYS A 120 27.14 33.62 0.25
CA SER A 121 29.74 34.17 -2.46
CA LYS A 122 28.33 33.52 -5.95
CA LYS A 123 25.49 35.37 -7.68
CA MET A 124 23.13 34.38 -10.47
CA THR A 125 21.72 37.40 -12.36
CA GLY A 126 18.61 35.48 -13.38
CA LYS A 127 18.28 37.35 -16.70
CA SER A 128 14.67 38.47 -16.63
CA ILE A 129 12.85 39.42 -19.84
CA GLN A 130 11.39 42.95 -19.59
CA PRO A 131 9.84 42.86 -23.09
CA GLU A 132 9.40 46.65 -23.34
CA ASN A 133 13.17 47.09 -22.90
CA LEU A 134 14.42 44.32 -25.21
CA GLU A 135 15.55 46.71 -27.99
CA TYR A 136 16.45 44.02 -30.51
CA ARG A 137 18.77 44.74 -33.43
CA ILE A 138 18.08 44.65 -37.18
CA MET A 139 20.91 44.84 -39.72
CA LEU A 140 20.80 46.57 -43.10
CA SER A 141 23.56 46.80 -45.67
CA VAL A 142 22.88 46.67 -49.46
CA HIS A 143 21.11 45.39 -52.51
CA GLY A 144 22.50 46.47 -55.84
CA SER A 145 25.59 45.80 -57.94
CA GLN A 146 27.23 44.00 -54.99
CA HIS A 147 30.46 45.97 -54.95
CA SER A 148 31.52 43.70 -52.07
CA GLY A 149 31.59 40.77 -54.51
CA MET A 150 35.26 41.43 -55.33
CA ILE A 151 36.42 38.79 -52.82
CA VAL A 152 33.45 37.40 -50.88
CA ASN A 153 29.84 38.37 -50.21
CA ASP A 154 30.08 37.60 -46.48
CA THR A 155 31.80 40.93 -45.76
CA GLY A 156 29.96 44.24 -45.84
CA HIS A 157 29.52 46.35 -49.00
CA GLU A 158 32.07 49.06 -48.05
CA THR A 159 32.92 51.65 -45.40
CA ASP A 160 30.07 53.83 -46.69
CA GLU A 161 27.42 51.61 -45.04
CA ASN A 162 28.32 49.01 -42.40
CA ARG A 163 25.57 47.86 -40.00
CA ALA A 164 24.33 51.33 -39.04
CA LYS A 165 23.57 51.20 -35.32
CA VAL A 166 19.87 51.32 -34.47
CA GLU A 167 17.75 49.36 -31.98
CA ILE A 168 14.26 48.14 -32.89
CA THR A 169 11.87 47.66 -29.96
CA PRO A 170 8.19 46.66 -29.78
CA ASN A 171 7.60 50.31 -28.75
CA SER A 172 7.62 51.26 -32.48
CA PRO A 173 10.80 53.31 -32.97
CA ARG A 174 10.32 56.30 -35.28
CA ALA A 175 13.74 56.06 -36.96
CA GLU A 176 13.74 57.48 -40.50
CA ALA A 177 17.22 56.54 -41.76
CA THR A 178 17.55 57.17 -45.49
CA LEU A 179 18.78 54.30 -47.67
CA GLY A 180 21.80 55.97 -49.24
CA GLY A 181 20.80 59.03 -51.23
CA PHE A 182 17.54 57.74 -52.74
CA GLY A 183 14.92 59.32 -50.48
CA SER A 184 13.59 59.66 -46.96
CA LEU A 185 11.45 56.83 -45.56
CA GLY A 186 9.54 56.01 -42.39
CA LEU A 187 9.38 52.99 -40.13
CA ASP A 188 7.08 51.81 -37.34
CA CYS A 189 6.66 48.40 -35.73
CA GLU A 190 4.14 46.36 -33.76
CA PRO A 191 4.10 42.87 -32.18
CA ARG A 192 2.36 40.09 -34.07
CA THR A 193 0.51 36.94 -32.92
CA GLY A 194 2.95 34.16 -32.11
CA LEU A 195 4.91 32.55 -29.25
CA ASP A 196 2.50 33.75 -26.58
CA PHE A 197 4.37 35.73 -23.93
CA SER A 198 4.16 34.37 -20.39
CA ASP A 199 7.42 36.00 -19.11
CA LEU A 200 9.47 32.85 -19.53
CA TYR A 201 12.69 33.63 -17.66
CA TYR A 202 16.06 32.17 -18.65
CA LEU A 203 18.71 31.24 -16.09
CA THR A 204 22.20 32.35 -17.06
CA MET A 205 24.82 30.19 -15.28
CA ASN A 206 27.80 31.39 -17.36
CA ASN A 207 25.97 32.12 -20.63
CA LYS A 208 23.87 28.94 -20.64
CA HIS A 209 20.12 29.53 -20.99
CA TRP A 210 17.19 27.15 -21.39
CA LEU A 211 13.46 27.51 -22.03
CA VAL A 212 11.11 26.79 -19.12
CA HIS A 213 7.55 27.83 -18.32
CA LYS A 214 6.92 30.19 -15.42
CA GLU A 215 4.63 27.64 -13.74
CA TRP A 216 7.36 25.29 -12.52
CA PHE A 217 9.84 28.18 -12.52
CA HIS A 218 8.20 30.07 -9.65
CA ASP A 219 6.95 26.90 -7.92
CA ILE A 220 10.46 25.92 -6.76
CA PRO A 221 10.59 26.21 -2.93
CA LEU A 222 13.71 28.38 -2.64
CA PRO A 223 14.32 31.86 -1.13
CA TRP A 224 12.74 34.06 -3.82
CA HIS A 225 12.93 37.39 -2.02
CA ALA A 226 15.03 40.05 -3.77
CA GLY A 227 17.76 38.67 -6.03
CA ALA A 228 18.82 42.24 -6.81
CA ASP A 229 21.78 43.27 -4.60
CA THR A 230 24.69 41.40 -3.02
CA GLY A 231 22.95 41.10 0.35
CA THR A 232 19.74 39.06 0.57
CA PRO A 233 19.06 38.66 4.30
CA HIS A 234 15.64 37.03 3.94
CA TRP A 235 16.47 33.41 2.94
CA ASN A 236 12.95 32.00 2.87
CA ASN A 237 14.58 28.59 2.34
CA LYS A 238 17.91 28.39 4.17
CA GLU A 239 18.32 24.90 5.66
CA ALA A 240 17.65 23.13 2.35
CA LEU A 241 21.38 23.46 1.66
CA VAL A 242 22.53 23.40 5.30
CA GLU A 243 21.64 19.96 6.65
CA PHE A 244 20.08 19.36 10.07
CA LYS A 245 20.76 16.11 11.95
CA ASP A 246 21.02 15.34 15.67
CA ALA A 247 23.22 12.49 16.89
CA HIS A 248 22.55 12.86 20.63
CA ALA A 249 21.23 16.23 21.85
CA LYS A 250 24.30 18.02 20.41
CA ARG A 251 26.63 18.30 17.40
CA GLN A 252 24.13 19.19 14.70
CA THR A 253 25.70 18.23 11.35
CA VAL A 254 25.73 21.04 8.78
CA VAL A 255 27.34 19.17 5.86
CA VAL A 256 26.96 21.31 2.73
CA LEU A 257 26.55 19.89 -0.77
CA GLY A 258 28.81 20.61 -3.75
CA SER A 259 28.65 23.28 -6.43
CA GLN A 260 25.76 21.26 -7.96
CA GLU A 261 26.81 22.43 -11.44
CA GLY A 262 27.72 18.92 -12.58
CA ALA A 263 24.16 17.66 -12.30
CA VAL A 264 22.94 20.91 -13.89
CA HIS A 265 24.99 20.41 -17.04
CA THR A 266 24.60 16.63 -17.23
CA ALA A 267 20.84 16.41 -16.63
CA LEU A 268 19.56 19.53 -18.41
CA ALA A 269 21.70 19.05 -21.55
CA GLY A 270 18.58 17.88 -23.40
CA ALA A 271 16.96 21.31 -23.14
CA LEU A 272 16.92 24.06 -25.78
CA GLU A 273 20.46 25.17 -24.85
CA ALA A 274 20.36 28.67 -26.34
CA GLU A 275 23.60 30.37 -25.32
CA MET A 276 24.33 34.09 -25.19
CA ASP A 277 27.54 35.20 -26.90
CA GLY A 278 28.36 38.68 -25.61
CA ALA A 279 27.49 40.65 -22.48
CA LYS A 280 24.81 42.68 -24.30
CA GLY A 281 22.12 40.08 -23.56
CA ARG A 282 20.66 36.75 -24.60
CA LEU A 283 20.34 35.33 -28.12
CA SER A 284 16.88 34.11 -29.18
CA SER A 285 14.42 34.26 -32.10
CA GLY A 286 12.13 37.28 -32.23
CA HIS A 287 9.62 38.73 -34.67
CA LEU A 288 9.12 41.98 -36.58
CA LYS A 289 6.78 43.68 -39.04
CA CYS A 290 8.72 46.87 -39.98
CA ARG A 291 6.46 48.31 -42.65
CA LEU A 292 8.26 50.61 -45.09
CA LYS A 293 7.31 53.62 -47.21
CA MET A 294 7.77 53.65 -51.00
CA ASP A 295 7.57 57.45 -51.38
CA LYS A 296 11.36 57.36 -51.80
CA LEU A 297 10.98 55.20 -54.93
CA ARG A 298 12.57 56.63 -58.08
CA LEU A 299 14.14 55.61 -61.39
CA LYS A 300 17.51 55.46 -63.16
CA GLY A 301 16.40 56.15 -66.73
CA VAL A 302 17.08 58.50 -69.64
CA SER A 303 20.41 59.74 -68.22
CA TYR A 304 22.34 57.48 -70.62
CA SER A 305 21.24 56.60 -74.12
CA LEU A 306 22.01 52.94 -74.62
CA CYS A 307 25.75 52.05 -74.58
CA THR A 308 28.83 51.30 -76.68
CA ALA A 309 30.34 48.13 -75.18
CA ALA A 310 30.26 44.33 -74.74
CA PHE A 311 30.97 41.65 -72.14
CA THR A 312 30.90 37.88 -71.55
CA PHE A 313 29.72 35.31 -68.99
CA THR A 314 33.02 33.64 -68.01
CA LYS A 315 31.58 31.63 -65.09
CA ILE A 316 29.17 28.76 -64.32
CA PRO A 317 25.41 29.24 -63.69
CA ALA A 318 25.79 28.07 -60.05
CA GLU A 319 22.44 26.27 -59.67
CA THR A 320 20.34 27.59 -56.79
CA LEU A 321 17.75 25.75 -54.69
CA HIS A 322 14.98 28.29 -55.34
CA GLY A 323 16.02 28.90 -58.96
CA THR A 324 17.75 32.30 -58.77
CA VAL A 325 21.16 31.64 -60.32
CA THR A 326 24.19 33.91 -59.83
CA VAL A 327 25.34 35.56 -63.06
CA GLU A 328 28.96 36.73 -63.22
CA VAL A 329 29.73 39.75 -65.40
CA GLN A 330 33.13 41.26 -66.24
CA TYR A 331 33.31 44.72 -67.79
CA ALA A 332 35.51 44.71 -70.90
CA GLY A 333 33.60 47.55 -72.58
CA THR A 334 34.40 51.20 -73.07
CA ASP A 335 32.76 54.65 -73.07
CA GLY A 336 30.61 54.51 -69.96
CA PRO A 337 28.58 54.99 -67.89
CA CYS A 338 25.63 53.71 -69.95
CA LYS A 339 22.29 51.90 -69.64
CA VAL A 340 22.40 48.22 -70.68
CA PRO A 341 21.02 45.59 -70.87
CA ALA A 342 17.26 45.67 -71.40
CA GLN A 343 14.90 43.27 -69.66
CA MET A 344 13.59 41.97 -73.01
CA ALA A 345 14.41 38.29 -73.58
CA VAL A 346 14.63 37.22 -77.23
CA ASP A 347 16.05 34.28 -79.19
CA MET A 348 15.77 32.66 -82.61
CA GLN A 349 12.05 32.33 -81.80
CA THR A 350 11.67 35.91 -80.44
CA LEU A 351 10.58 34.97 -76.92
CA THR A 352 8.27 36.97 -74.67
CA PRO A 353 9.07 39.88 -72.29
CA VAL A 354 8.24 37.58 -69.31
CA GLY A 355 11.61 38.55 -67.80
CA ARG A 356 11.30 40.61 -64.63
CA LEU A 357 13.20 43.26 -62.67
CA ILE A 358 16.76 42.03 -62.00
CA THR A 359 18.99 44.43 -59.97
CA ALA A 360 17.37 47.85 -59.90
CA ASN A 361 19.20 49.74 -62.59
CA PRO A 362 20.01 49.07 -66.26
CA VAL A 363 22.74 51.69 -65.86
CA ILE A 364 25.99 49.85 -65.13
CA THR A 365 27.71 53.06 -63.90
CA GLU A 366 31.06 51.39 -64.68
CA SER A 367 31.84 49.87 -68.10
CA THR A 368 35.64 49.77 -67.68
CA GLU A 369 38.36 48.90 -65.13
CA ASN A 370 37.27 45.21 -65.35
CA SER A 371 35.43 45.49 -62.03
CA LYS A 372 34.01 42.24 -60.63
CA MET A 373 30.25 42.42 -60.04
CA MET A 374 27.28 40.11 -59.45
CA LEU A 375 24.33 40.39 -61.84
CA GLU A 376 22.46 37.34 -60.48
CA LEU A 377 19.35 37.26 -62.65
CA ASP A 378 16.41 34.91 -62.05
CA PRO A 379 15.57 33.15 -65.34
CA PRO A 380 12.53 30.94 -65.98
CA PHE A 381 13.05 27.19 -66.34
CA GLY A 382 12.76 25.18 -69.55
CA ASP A 383 13.85 26.74 -72.84
CA SER A 384 14.44 30.44 -72.27
CA TYR A 385 17.24 32.80 -73.32
CA ILE A 386 17.98 36.05 -71.47
CA VAL A 387 19.77 38.72 -73.51
CA ILE A 388 23.36 38.75 -72.25
CA GLY A 389 25.54 41.38 -73.89
CA VAL A 390 25.66 45.06 -74.73
CA GLY A 391 26.34 45.73 -78.41
CA GLU A 392 24.74 43.00 -80.50
CA LYS A 393 24.59 39.23 -81.27
CA LYS A 394 22.90 38.69 -77.88
CA ILE A 395 24.93 35.69 -76.66
CA THR A 396 23.20 33.56 -74.03
CA HIS A 397 23.84 30.41 -71.99
CA HIS A 398 21.09 27.80 -71.74
CA TRP A 399 19.62 26.41 -68.52
CA HIS A 400 17.20 23.63 -69.61
CA ARG A 401 16.39 22.19 -66.17
CA SER A 402 13.49 19.73 -66.54
CA GLY A 403 11.25 22.34 -68.12
CA SER A 404 8.72 24.48 -66.27
CA THR A 405 5.84 22.87 -64.36
CA ILE A 406 2.79 24.96 -63.42
CA GLY A 407 0.56 22.03 -62.44
CA LYS A 408 1.69 22.12 -58.80
CA ALA A 409 2.05 25.93 -58.69
CA PHE A 410 -1.49 26.84 -57.62
CA GLU A 411 -1.60 24.56 -54.57
CA ALA A 412 1.73 25.80 -53.24
CA THR A 413 0.85 29.46 -53.85
CA VAL A 414 -2.56 29.11 -52.20
CA ARG A 415 -1.17 27.32 -49.14
CA GLY A 416 1.64 29.86 -48.78
CA ALA A 417 -0.80 32.77 -49.03
CA LYS A 418 -3.31 31.25 -46.59
CA ARG A 419 -0.63 30.42 -44.02
CA MET A 420 0.18 34.15 -43.85
CA ALA A 421 -2.74 34.45 -41.36
CA VAL A 422 -4.08 37.71 -42.74
CA LEU A 423 -7.16 37.38 -40.49
CA GLY A 424 -5.00 38.40 -37.50
CA ASP A 425 -4.57 42.01 -38.67
CA THR A 426 -7.94 43.20 -40.10
CA ALA A 427 -6.69 46.58 -41.33
CA TRP A 428 -8.22 46.38 -44.83
CA ASP A 429 -10.34 49.50 -44.23
CA PHE A 430 -7.59 52.10 -43.49
CA GLY A 431 -10.27 54.78 -43.84
CA SER A 432 -13.81 55.23 -45.09
CA VAL A 433 -12.80 56.10 -48.68
CA GLY A 434 -10.99 52.88 -49.51
CA GLY A 435 -11.33 52.23 -53.24
CA ALA A 436 -8.40 49.86 -53.84
CA LEU A 437 -8.30 46.60 -51.88
CA ASN A 438 -7.70 43.07 -53.17
CA SER A 439 -5.04 41.55 -50.88
CA LEU A 440 -5.44 38.24 -52.71
CA GLY A 441 -5.09 38.94 -56.43
CA LYS A 442 -1.46 40.06 -56.30
CA GLY A 443 -0.60 37.23 -53.92
CA ILE A 444 -2.53 34.36 -55.49
CA HIS A 445 -3.98 35.42 -58.86
CA GLN A 446 -1.02 37.46 -60.15
CA ILE A 447 0.66 34.38 -61.61
CA PHE A 448 -2.75 33.11 -62.75
CA GLY A 449 -3.64 36.39 -64.47
CA ALA A 450 -0.16 36.57 -66.01
CA ALA A 451 0.49 33.06 -67.35
CA PHE A 452 -3.11 31.92 -67.92
CA LYS A 453 -4.41 35.15 -69.50
CA SER A 454 -2.85 36.15 -72.82
CA LEU A 455 -5.33 37.02 -75.56
CA PHE A 456 -4.57 40.40 -77.14
CA GLY A 457 -1.30 40.76 -79.04
CA GLY A 458 0.82 43.83 -78.37
CA MET A 459 -0.74 44.56 -74.95
CA SER A 460 -0.33 42.42 -71.83
CA TRP A 461 -2.37 44.35 -69.24
CA PHE A 462 -5.46 45.61 -71.07
CA SER A 463 -6.35 41.98 -71.80
CA GLN A 464 -7.21 41.46 -68.11
CA ILE A 465 -10.31 43.65 -68.33
CA LEU A 466 -11.80 42.11 -71.52
CA ILE A 467 -12.40 38.49 -70.45
CA GLY A 468 -13.73 39.55 -67.07
CA THR A 469 -16.10 42.09 -68.62
CA LEU A 470 -17.36 39.56 -71.15
CA LEU A 471 -17.92 36.93 -68.46
CA MET A 472 -19.68 39.33 -66.09
CA TRP A 473 -22.00 40.89 -68.70
CA LEU A 474 -24.04 37.90 -69.94
CA GLY A 475 -27.30 38.72 -68.17
CA LEU A 476 -29.75 36.93 -65.89
CA ASN A 477 -28.14 33.54 -66.69
CA THR A 478 -31.14 31.34 -65.89
CA LYS A 479 -31.06 27.51 -66.06
CA ASN A 480 -29.87 26.87 -62.48
CA GLY A 481 -28.79 30.41 -61.67
CA SER A 482 -26.50 29.18 -58.91
CA ILE A 483 -23.95 29.02 -61.71
CA SER A 484 -25.10 32.58 -62.47
CA LEU A 485 -24.21 33.62 -58.90
CA MET A 486 -20.80 31.92 -59.19
CA CYS A 487 -20.14 33.58 -62.56
CA LEU A 488 -21.15 36.99 -61.18
CA ALA A 489 -18.84 36.53 -58.17
CA LEU A 490 -15.96 35.55 -60.47
CA GLY A 491 -16.63 38.53 -62.73
CA GLY A 492 -16.72 40.90 -59.77
CA VAL A 493 -13.44 39.51 -58.45
CA LEU A 494 -11.85 39.92 -61.88
CA ILE A 495 -13.26 43.44 -62.36
CA PHE A 496 -12.19 44.83 -58.97
CA LEU A 497 -8.59 44.32 -60.19
CA SER A 498 -8.08 46.78 -63.05
CA THR A 499 -5.28 49.12 -61.96
CA ALA A 500 -4.30 47.26 -58.76
CA VAL A 501 -1.99 44.77 -60.51
CA SER A 502 -0.56 46.66 -63.50
CA ALA A 503 -0.83 50.19 -62.04
CA ARG B 1 37.01 38.04 27.42
CA GLY B 2 34.83 36.37 30.04
CA SER B 3 37.49 33.79 30.92
CA ALA B 4 37.55 32.59 27.29
CA TYR B 5 41.00 31.77 25.90
CA TYR B 6 39.61 30.59 22.50
CA MET B 7 41.84 27.53 22.68
CA TYR B 8 42.42 25.95 19.25
CA LEU B 9 42.75 22.16 19.04
CA ASP B 10 43.95 20.32 15.94
CA ARG B 11 45.93 17.25 14.85
CA ASN B 12 48.93 18.49 16.85
CA ASP B 13 46.84 18.64 20.04
CA ALA B 14 44.87 15.49 19.16
CA GLY B 15 45.45 12.46 21.34
CA GLU B 16 47.40 14.45 23.93
CA ALA B 17 46.51 15.92 27.32
CA ILE B 18 46.09 19.70 27.08
CA SER B 19 47.26 21.49 30.24
CA PHE B 20 46.95 25.28 30.54
CA PRO B 21 46.85 27.03 33.95
CA THR B 22 43.67 28.99 34.59
CA THR B 23 41.92 31.04 37.28
CA LEU B 24 40.44 27.96 39.00
CA GLY B 25 43.07 25.25 39.29
CA MET B 26 44.27 24.10 35.88
CA ASN B 27 42.79 22.84 32.61
CA LYS B 28 42.72 19.14 31.72
CA CYS B 29 41.46 18.16 28.25
CA TYR B 30 41.53 14.66 26.79
CA ILE B 31 41.17 14.47 23.00
CA GLN B 32 39.57 11.27 21.70
CA ILE B 33 38.87 12.57 18.18
CA MET B 34 40.44 10.94 15.12
CA ASP B 35 43.92 11.70 13.79
CA LEU B 36 42.42 14.32 11.45
CA GLY B 37 41.72 17.95 12.31
CA HIS B 38 43.89 19.99 9.94
CA MET B 39 43.60 23.77 9.37
CA CYS B 40 39.82 23.10 9.34
CA ASP B 41 38.15 25.65 7.07
CA ALA B 42 34.99 24.11 8.53
CA THR B 43 34.22 25.60 11.94
CA MET B 44 33.03 22.53 13.87
CA SER B 45 33.13 23.59 17.52
CA TYR B 46 31.22 23.23 20.77
CA GLU B 47 31.53 24.47 24.36
CA CYS B 48 32.45 21.71 26.80
CA PRO B 49 30.69 22.47 30.12
CA MET B 50 32.90 20.74 32.73
CA LEU B 51 34.34 17.54 34.21
CA ASP B 52 33.63 18.72 37.77
CA GLU B 53 30.87 17.25 39.95
CA GLY B 54 27.45 17.39 38.30
CA VAL B 55 28.60 16.59 34.75
CA GLU B 56 30.03 13.22 33.69
CA PRO B 57 31.96 13.57 30.41
CA ASP B 58 30.87 10.26 28.85
CA ASP B 59 29.22 11.10 25.53
CA VAL B 60 31.22 14.25 24.76
CA ASP B 61 34.21 13.58 22.52
CA CYS B 62 36.13 16.42 24.19
CA TRP B 63 35.80 17.92 27.65
CA CYS B 64 37.52 20.23 30.13
CA ASN B 65 37.88 19.91 33.89
CA THR B 66 37.26 23.55 34.86
CA THR B 67 36.83 27.02 33.34
CA SER B 68 34.86 26.15 30.23
CA THR B 69 35.97 28.08 27.15
CA TRP B 70 35.85 27.99 23.36
CA VAL B 71 36.80 24.50 22.15
CA VAL B 72 36.98 23.60 18.46
CA TYR B 73 38.29 20.05 17.83
CA GLY B 74 37.30 20.30 14.17
CA THR B 75 37.11 17.30 11.87
CA CYS B 76 38.49 18.63 8.55
CA HIS B 77 38.16 15.56 6.36
CA HIS B 78 39.51 17.58 3.42
CA LYS B 79 39.87 21.22 2.39
CA LYS B 80 36.17 21.27 1.47
CA GLY B 81 33.26 19.64 3.30
CA GLU B 82 31.69 16.20 3.12
CA ALA B 83 29.55 15.04 0.19
CA ARG B 84 26.30 13.17 0.84
CA ARG B 85 22.57 13.36 0.10
CA SER B 86 22.49 13.24 -3.72
CA ARG B 87 20.77 16.16 -5.39
CA ARG B 88 18.61 17.52 -8.22
CA ALA B 89 15.25 15.82 -7.91
CA VAL B 90 12.95 18.84 -8.18
CA THR B 91 10.71 19.39 -11.21
CA LEU B 92 9.38 17.91 -14.45
CA PRO B 93 8.92 20.85 -16.85
CA SER B 94 6.96 22.28 -18.26
CA HIS B 95 3.34 22.09 -19.47
CA SER B 96 3.17 18.93 -21.67
CA THR B 97 3.14 21.20 -24.77
CA ARG B 98 -0.55 21.92 -25.27
CA LYS B 99 -1.01 21.74 -29.02
CA LEU B 100 -3.97 24.02 -29.87
CA GLN B 101 -5.84 21.35 -31.86
CA THR B 102 -6.91 21.48 -35.53
CA ARG B 103 -3.25 21.69 -36.60
CA SER B 104 -3.98 20.90 -40.30
CA GLN B 105 -0.42 20.04 -41.35
CA THR B 106 0.31 17.68 -44.24
CA TRP B 107 3.37 19.09 -46.08
CA LEU B 108 3.98 16.10 -48.38
CA GLU B 109 6.24 15.92 -51.43
CA SER B 110 6.20 13.82 -54.61
CA ARG B 111 7.57 13.75 -58.14
CA GLU B 112 6.00 13.14 -61.54
CA TYR B 113 7.69 9.76 -62.28
CA THR B 114 9.08 11.19 -65.51
CA LYS B 115 8.67 8.15 -67.83
CA HIS B 116 9.67 10.23 -70.86
CA LEU B 117 6.54 9.37 -72.89
CA ILE B 118 4.29 10.73 -70.14
CA ARG B 119 6.89 13.47 -69.61
CA VAL B 120 6.07 14.66 -73.14
CA GLU B 121 2.39 14.15 -72.34
CA ASN B 122 2.90 16.58 -69.44
CA TRP B 123 4.93 18.95 -71.66
CA ILE B 124 1.70 19.11 -73.70
CA PHE B 125 0.20 20.80 -70.64
CA ARG B 126 3.41 22.86 -70.37
CA ASN B 127 2.90 24.55 -73.74
CA PRO B 128 3.08 28.37 -73.70
CA GLY B 129 0.18 30.65 -74.49
CA PHE B 130 -0.47 33.56 -76.87
CA ALA B 131 0.03 31.14 -79.78
CA LEU B 132 -2.27 28.15 -79.32
CA ALA B 133 -4.37 29.16 -76.30
CA ALA B 134 -6.86 31.18 -78.35
CA ALA B 135 -7.17 28.37 -80.92
CA ALA B 136 -7.75 25.79 -78.17
CA ILE B 137 -10.37 27.99 -76.50
CA ALA B 138 -12.15 28.48 -79.83
CA TRP B 139 -12.00 24.76 -80.65
CA LEU B 140 -13.20 23.51 -77.24
CA LEU B 141 -16.47 25.49 -77.34
CA GLY B 142 -17.70 24.81 -80.88
CA SER B 143 -17.44 21.01 -80.59
CA SER B 144 -20.43 19.03 -79.31
CA THR B 145 -19.34 15.92 -77.40
CA SER B 146 -21.71 12.93 -77.33
CA GLN B 147 -19.24 10.08 -77.97
CA LYS B 148 -16.91 11.08 -75.09
CA VAL B 149 -14.41 12.63 -77.51
CA ILE B 150 -13.00 15.31 -75.16
CA TYR B 151 -9.74 13.41 -74.70
CA LEU B 152 -9.45 12.70 -78.42
CA VAL B 153 -10.08 16.31 -79.46
CA MET B 154 -7.69 17.60 -76.77
CA ILE B 155 -4.95 15.24 -77.99
CA LEU B 156 -5.56 16.11 -81.65
CA LEU B 157 -4.34 19.68 -81.01
CA ILE B 158 -1.01 18.57 -79.48
CA ALA B 159 0.76 18.47 -82.86
CA PRO B 160 1.82 22.16 -82.90
CA ALA B 161 2.73 21.90 -79.19
CA TYR B 162 4.34 18.44 -79.33
CA SER B 163 7.86 19.91 -79.54
CA ARG C 1 -29.41 20.36 35.23
CA CYS C 2 -28.52 19.83 31.57
CA ILE C 3 -28.74 23.59 31.03
CA GLY C 4 -26.34 23.37 28.07
CA VAL C 5 -27.68 19.98 26.96
CA SER C 6 -30.66 20.08 24.61
CA ASN C 7 -31.32 16.33 24.82
CA ARG C 8 -34.08 15.29 27.23
CA ASP C 9 -36.54 12.44 27.76
CA PHE C 10 -40.00 14.02 28.32
CA VAL C 11 -41.74 11.02 29.87
CA GLU C 12 -45.28 11.83 31.00
CA GLY C 13 -48.35 9.75 31.79
CA MET C 14 -51.27 9.59 34.20
CA SER C 15 -49.10 10.03 37.29
CA GLY C 16 -50.82 8.81 40.45
CA GLY C 17 -49.50 7.39 43.68
CA THR C 18 -48.30 3.98 42.45
CA TRP C 19 -50.12 3.88 39.09
CA VAL C 20 -47.69 4.37 36.20
CA ASP C 21 -43.96 4.10 35.45
CA VAL C 22 -41.33 6.02 33.47
CA VAL C 23 -38.00 5.21 31.82
CA LEU C 24 -34.49 6.45 32.62
CA GLU C 25 -31.26 6.05 30.67
CA HIS C 26 -27.75 7.44 30.54
CA GLY C 27 -27.74 10.77 28.74
CA GLY C 28 -31.33 11.43 29.81
CA CYS C 29 -33.40 12.51 32.79
CA VAL C 30 -36.74 11.85 34.50
CA THR C 31 -38.75 15.05 34.51
CA VAL C 32 -42.04 16.71 35.51
CA MET C 33 -44.16 19.51 34.05
CA ALA C 34 -46.93 17.22 35.11
CA GLN C 35 -49.41 18.80 37.55
CA ASP C 36 -48.37 20.97 40.49
CA LYS C 37 -44.69 20.18 40.86
CA PRO C 38 -42.02 20.20 43.52
CA THR C 39 -38.79 20.11 41.52
CA VAL C 40 -37.16 16.73 40.85
CA ASP C 41 -34.32 16.13 38.38
CA ILE C 42 -31.87 13.32 37.59
CA GLU C 43 -28.21 13.32 36.53
CA LEU C 44 -26.60 10.84 34.14
CA VAL C 45 -22.94 9.99 34.82
CA THR C 46 -22.09 7.81 37.85
CA THR C 47 -20.68 4.28 38.32
CA THR C 48 -19.11 2.23 41.12
CA VAL C 49 -18.00 -1.37 41.64
CA SER C 50 -18.93 -1.66 45.36
CA ASN C 51 -16.45 -4.19 46.78
CA MET C 52 -15.91 -6.69 43.98
CA ALA C 53 -14.70 -10.21 44.72
CA GLU C 54 -11.21 -11.60 44.08
CA VAL C 55 -11.06 -13.99 41.12
CA ARG C 56 -8.17 -13.08 38.82
CA SER C 57 -4.72 -14.17 37.68
CA TYR C 58 -2.27 -13.14 34.94
CA CYS C 59 1.40 -12.22 35.02
CA TYR C 60 3.91 -10.25 32.96
CA GLU C 61 7.43 -10.18 34.41
CA ALA C 62 11.03 -11.32 33.96
CA SER C 63 11.62 -14.20 36.37
CA ILE C 64 13.86 -17.26 36.04
CA SER C 65 16.41 -18.85 38.35
CA ASP C 66 18.81 -21.76 38.95
CA MET C 67 18.98 -22.45 35.20
CA ALA C 68 19.85 -26.12 35.71
CA SER C 69 21.10 -28.51 33.03
CA ASP C 70 22.25 -32.10 32.65
CA SER C 71 23.84 -34.34 30.01
CA ARG C 72 23.42 -38.08 29.37
CA CYS C 73 24.93 -40.43 26.77
CA PRO C 74 22.50 -41.27 23.94
CA THR C 75 21.17 -44.82 23.54
CA GLN C 76 21.97 -45.60 27.18
CA GLY C 77 19.03 -44.35 29.23
CA GLU C 78 16.79 -41.46 30.21
CA ALA C 79 18.87 -40.79 33.38
CA TYR C 80 15.67 -41.16 35.47
CA LEU C 81 15.51 -37.54 36.60
CA ASP C 82 12.64 -36.71 38.95
CA LYS C 83 12.70 -32.90 39.25
CA GLN C 84 9.33 -32.69 37.45
CA SER C 85 7.21 -33.27 40.58
CA ASP C 86 7.38 -29.75 42.00
CA THR C 87 5.10 -27.04 40.61
CA GLN C 88 7.47 -24.05 40.54
CA TYR C 89 10.24 -26.14 38.98
CA VAL C 90 9.83 -26.40 35.20
CA CYS C 91 11.48 -29.36 33.45
CA LYS C 92 11.21 -30.48 29.83
CA ARG C 93 12.93 -33.28 27.91
CA THR C 94 14.23 -32.48 24.42
CA LEU C 95 16.38 -34.38 21.91
CA VAL C 96 19.54 -33.15 20.19
CA ASP C 97 21.25 -34.35 17.01
CA ARG C 98 24.93 -35.18 17.51
CA GLY C 99 27.56 -37.55 16.15
CA TRP C 100 29.74 -40.16 17.82
CA GLY C 101 31.73 -38.81 20.75
CA ASN C 102 31.52 -35.11 19.91
CA GLY C 103 29.72 -33.61 22.89
CA CYS C 104 27.92 -36.45 24.68
CA GLY C 105 30.42 -39.27 24.04
CA LEU C 106 27.95 -41.56 22.26
CA PHE C 107 25.87 -41.55 19.09
CA GLY C 108 22.11 -41.96 19.12
CA LYS C 109 18.86 -40.11 19.71
CA GLY C 110 19.88 -37.75 22.50
CA SER C 111 19.10 -36.74 26.06
CA LEU C 112 18.63 -33.28 27.56
CA VAL C 113 16.85 -31.95 30.66
CA THR C 114 17.76 -28.29 31.33
CA CYS C 115 15.32 -27.81 34.20
CA ALA C 116 14.76 -24.63 36.23
CA LYS C 117 12.27 -22.94 38.55
CA PHE C 118 10.09 -19.98 37.63
CA ALA C 119 9.37 -18.13 40.91
CA CYS C 120 7.24 -15.37 39.46
CA SER C 121 7.35 -12.09 41.39
CA LYS C 122 5.25 -9.32 39.80
CA LYS C 123 1.45 -9.23 40.11
CA MET C 124 -1.25 -7.45 38.12
CA THR C 125 -4.49 -7.48 40.19
CA GLY C 126 -6.86 -7.44 37.24
CA LYS C 127 -9.95 -6.63 39.33
CA SER C 128 -12.56 -8.83 37.61
CA ILE C 129 -16.24 -7.89 37.41
CA GLN C 130 -18.33 -10.17 39.67
CA PRO C 131 -21.66 -8.62 38.62
CA GLU C 132 -23.50 -9.99 41.67
CA ASN C 133 -22.04 -7.06 43.67
CA LEU C 134 -22.30 -4.43 40.90
CA GLU C 135 -24.52 -1.98 42.84
CA TYR C 136 -24.93 0.70 40.19
CA ARG C 137 -25.17 4.32 41.32
CA ILE C 138 -26.97 7.35 39.81
CA MET C 139 -27.56 10.97 40.82
CA LEU C 140 -30.86 12.77 41.49
CA SER C 141 -31.55 16.38 42.44
CA VAL C 142 -34.30 18.13 44.39
CA HIS C 143 -33.98 21.81 45.25
CA GLY C 144 -37.26 23.35 46.41
CA SER C 145 -35.55 26.34 48.02
CA GLN C 146 -31.93 26.03 46.86
CA HIS C 147 -29.81 29.17 47.16
CA SER C 148 -27.37 29.40 44.23
CA GLY C 149 -25.61 27.36 41.55
CA MET C 150 -24.06 23.98 42.35
CA ILE C 151 -22.06 23.46 39.13
CA VAL C 152 -18.73 24.01 40.91
CA ASN C 153 -18.48 20.29 41.72
CA ASP C 154 -20.57 17.12 41.71
CA THR C 155 -22.00 17.26 45.23
CA GLY C 156 -25.29 17.34 47.12
CA HIS C 157 -24.92 14.28 49.36
CA GLU C 158 -25.52 16.36 52.49
CA THR C 159 -27.36 19.52 51.37
CA ASP C 160 -30.83 19.41 53.05
CA GLU C 161 -32.48 16.78 50.84
CA ASN C 162 -30.76 17.97 47.66
CA ARG C 163 -29.08 15.18 45.65
CA ALA C 164 -27.22 11.87 45.64
CA LYS C 165 -29.31 9.06 47.08
CA VAL C 166 -30.14 6.12 44.75
CA GLU C 167 -28.46 2.70 44.62
CA ILE C 168 -29.34 0.15 41.95
CA THR C 169 -28.72 -3.60 41.83
CA PRO C 170 -30.75 -6.39 40.13
CA ASN C 171 -31.86 -7.41 43.65
CA SER C 172 -34.21 -4.36 43.81
CA PRO C 173 -33.07 -2.63 47.04
CA ARG C 174 -34.22 0.70 48.48
CA ALA C 175 -37.89 -0.18 48.98
CA GLU C 176 -39.24 3.11 47.74
CA ALA C 177 -37.19 6.13 48.91
CA THR C 178 -36.79 8.93 51.46
CA LEU C 179 -36.18 12.20 49.61
CA GLY C 180 -37.70 14.55 52.21
CA GLY C 181 -38.48 18.13 51.29
CA PHE C 182 -42.13 19.17 51.52
CA GLY C 183 -43.15 15.52 51.57
CA SER C 184 -42.00 12.03 50.61
CA LEU C 185 -41.14 10.79 47.10
CA GLY C 186 -40.76 7.06 46.55
CA LEU C 187 -38.92 5.15 43.82
CA ASP C 188 -39.43 1.64 42.47
CA CYS C 189 -36.65 0.09 40.40
CA GLU C 190 -36.35 -2.49 37.62
CA PRO C 191 -33.41 -3.28 35.32
CA ARG C 192 -33.60 -1.95 31.78
CA THR C 193 -31.99 -2.90 28.47
CA GLY C 194 -28.92 -1.45 26.77
CA LEU C 195 -26.35 -3.63 28.55
CA ASP C 196 -25.72 -7.38 28.71
CA PHE C 197 -23.46 -9.66 30.75
CA SER C 198 -21.06 -11.52 28.45
CA ASP C 199 -18.47 -12.38 31.16
CA LEU C 200 -16.57 -9.15 30.55
CA TYR C 201 -13.41 -8.84 32.67
CA TYR C 202 -11.14 -5.87 33.32
CA LEU C 203 -7.36 -5.46 33.57
CA THR C 204 -5.57 -3.06 35.91
CA MET C 205 -2.14 -2.71 34.25
CA ASN C 206 -0.48 0.60 35.20
CA ASN C 207 -3.70 1.83 36.86
CA LYS C 208 -5.62 1.70 33.56
CA HIS C 209 -8.67 -0.32 32.54
CA TRP C 210 -10.05 -1.51 29.21
CA LEU C 211 -12.59 -3.93 27.80
CA VAL C 212 -11.84 -7.49 26.67
CA HIS C 213 -13.48 -10.16 24.49
CA LYS C 214 -14.64 -13.70 25.22
CA GLU C 215 -12.58 -15.21 22.40
CA TRP C 216 -9.66 -12.87 23.18
CA PHE C 217 -9.68 -14.10 26.80
CA HIS C 218 -9.06 -17.85 26.68
CA ASP C 219 -7.65 -18.37 23.17
CA ILE C 220 -4.46 -16.42 23.92
CA PRO C 221 -1.92 -18.78 25.60
CA LEU C 222 -1.79 -17.04 28.98
CA PRO C 223 -2.15 -18.44 32.50
CA TRP C 224 -5.36 -17.83 34.43
CA HIS C 225 -6.56 -18.75 37.92
CA ALA C 226 -9.18 -17.80 40.50
CA GLY C 227 -7.71 -15.42 43.09
CA ALA C 228 -4.11 -16.17 42.00
CA ASP C 229 -3.69 -17.99 45.35
CA THR C 230 -0.98 -15.44 46.28
CA GLY C 231 1.50 -16.75 43.74
CA THR C 232 -0.52 -18.73 41.15
CA PRO C 233 1.04 -22.22 41.32
CA HIS C 234 -0.93 -23.26 38.23
CA TRP C 235 0.86 -21.86 35.15
CA ASN C 236 -1.59 -22.99 32.42
CA ASN C 237 0.74 -22.39 29.44
CA LYS C 238 4.17 -20.77 29.37
CA GLU C 239 4.69 -21.11 25.59
CA ALA C 240 4.33 -17.34 25.15
CA LEU C 241 7.43 -16.57 27.24
CA VAL C 242 9.35 -19.83 26.60
CA GLU C 243 11.36 -20.41 23.42
CA PHE C 244 13.72 -23.20 22.38
CA LYS C 245 17.39 -22.45 21.69
CA ASP C 246 20.77 -24.08 22.27
CA ALA C 247 24.44 -23.12 22.29
CA HIS C 248 26.42 -26.39 22.30
CA ALA C 249 25.54 -29.86 23.57
CA LYS C 250 24.12 -28.55 26.86
CA ARG C 251 22.44 -25.69 28.72
CA GLN C 252 19.44 -24.91 26.55
CA THR C 253 18.76 -21.20 26.90
CA VAL C 254 16.19 -20.84 29.68
CA VAL C 255 16.30 -17.03 29.78
CA VAL C 256 12.86 -15.59 30.52
CA LEU C 257 11.28 -12.74 28.56
CA GLY C 258 11.84 -9.26 29.94
CA SER C 259 9.58 -7.00 31.96
CA GLN C 260 7.52 -6.00 28.87
CA GLU C 261 6.05 -3.05 30.81
CA GLY C 262 6.93 -0.43 28.21
CA ALA C 263 5.95 -2.51 25.18
CA VAL C 264 2.59 -3.51 26.68
CA HIS C 265 1.87 0.05 27.82
CA THR C 266 2.68 1.57 24.42
CA ALA C 267 1.01 -1.09 22.25
CA LEU C 268 -2.19 -1.36 24.31
CA ALA C 269 -2.67 2.36 24.99
CA GLY C 270 -5.34 2.66 22.28
CA ALA C 271 -8.10 1.79 24.73
CA LEU C 272 -11.30 3.70 25.52
CA GLU C 273 -9.53 5.47 28.43
CA ALA C 274 -12.15 4.84 31.10
CA GLU C 275 -11.21 7.12 34.00
CA MET C 276 -11.35 5.73 37.54
CA ASP C 277 -12.52 8.32 40.08
CA GLY C 278 -11.50 6.57 43.30
CA ALA C 279 -11.01 3.05 44.61
CA LYS C 280 -14.46 1.97 43.40
CA GLY C 281 -16.04 4.89 41.55
CA ARG C 282 -15.65 4.95 37.76
CA LEU C 283 -17.31 6.43 34.67
CA SER C 284 -19.77 4.36 32.64
CA SER C 285 -23.33 4.37 31.25
CA GLY C 286 -26.26 2.75 33.04
CA HIS C 287 -30.03 2.43 32.98
CA LEU C 288 -33.01 2.30 35.34
CA LYS C 289 -36.80 2.22 35.35
CA CYS C 290 -37.13 4.57 38.36
CA ARG C 291 -40.82 4.39 39.18
CA LEU C 292 -42.57 6.69 41.67
CA LYS C 293 -44.38 6.05 44.98
CA MET C 294 -46.63 8.84 46.28
CA ASP C 295 -48.58 7.49 49.32
CA LYS C 296 -49.43 11.03 50.45
CA LEU C 297 -50.52 12.99 47.41
CA ARG C 298 -47.10 14.27 46.52
CA LEU C 299 -45.89 16.87 49.06
CA LYS C 300 -47.31 19.74 51.10
CA GLY C 301 -45.88 22.99 49.75
CA VAL C 302 -48.90 25.12 50.64
CA SER C 303 -47.78 26.29 54.06
CA TYR C 304 -47.51 30.06 53.33
CA SER C 305 -50.23 32.60 54.00
CA LEU C 306 -50.37 35.26 51.31
CA CYS C 307 -47.17 37.27 50.63
CA THR C 308 -44.99 40.26 51.49
CA ALA C 309 -42.30 40.60 48.80
CA ALA C 310 -41.19 41.57 45.29
CA PHE C 311 -38.57 40.29 42.84
CA THR C 312 -36.87 40.85 39.48
CA PHE C 313 -34.96 38.58 37.12
CA THR C 314 -32.06 41.04 37.53
CA LYS C 315 -29.95 39.75 34.64
CA ILE C 316 -31.86 38.37 31.60
CA PRO C 317 -34.23 35.51 30.68
CA ALA C 318 -31.27 33.65 29.11
CA GLU C 319 -32.77 30.62 27.44
CA THR C 320 -30.04 29.09 25.27
CA LEU C 321 -31.09 25.69 23.85
CA HIS C 322 -33.74 23.76 25.72
CA GLY C 323 -36.32 26.20 27.09
CA THR C 324 -36.31 26.29 30.90
CA VAL C 325 -34.19 29.22 32.03
CA THR C 326 -31.80 29.51 34.98
CA VAL C 327 -33.04 32.92 36.16
CA GLU C 328 -31.91 33.87 39.65
CA VAL C 329 -34.24 35.93 41.83
CA GLN C 330 -33.81 38.17 44.87
CA TYR C 331 -36.36 38.62 47.67
CA ALA C 332 -36.78 42.29 48.61
CA GLY C 333 -39.60 41.69 51.09
CA THR C 334 -39.85 41.05 54.82
CA ASP C 335 -42.43 39.73 57.32
CA GLY C 336 -43.75 36.80 55.33
CA PRO C 337 -44.77 34.13 54.64
CA CYS C 338 -45.22 34.37 50.84
CA LYS C 339 -47.43 32.15 48.68
CA VAL C 340 -48.24 34.79 46.02
CA PRO C 341 -47.54 35.05 42.93
CA ALA C 342 -49.23 32.69 40.51
CA GLN C 343 -48.50 32.40 36.79
CA MET C 344 -49.60 35.74 35.31
CA ALA C 345 -47.79 35.33 31.98
CA VAL C 346 -50.86 35.22 29.70
CA ASP C 347 -51.65 38.91 29.13
CA MET C 348 -52.78 42.03 31.00
CA GLN C 349 -56.13 40.40 31.85
CA THR C 350 -54.57 37.54 33.86
CA LEU C 351 -57.65 35.33 33.77
CA THR C 352 -56.30 31.76 33.50
CA PRO C 353 -52.61 30.77 33.33
CA VAL C 354 -51.37 28.89 30.27
CA GLY C 355 -47.63 28.86 31.03
CA ARG C 356 -45.58 25.75 31.68
CA LEU C 357 -45.36 24.25 35.16
CA ILE C 358 -41.55 24.35 35.62
CA THR C 359 -40.30 25.00 39.14
CA ALA C 360 -43.42 25.90 41.04
CA ASN C 361 -43.23 29.29 42.72
CA PRO C 362 -40.85 31.99 43.99
CA VAL C 363 -42.20 31.24 47.50
CA ILE C 364 -39.80 32.25 50.27
CA THR C 365 -38.64 29.76 52.90
CA GLU C 366 -36.50 32.14 54.98
CA SER C 367 -38.42 35.41 55.36
CA THR C 368 -36.23 37.08 58.02
CA GLU C 369 -33.94 39.02 55.66
CA ASN C 370 -33.33 39.18 51.92
CA SER C 371 -32.78 35.78 50.32
CA LYS C 372 -31.56 34.77 46.85
CA MET C 373 -33.09 31.65 45.30
CA MET C 374 -33.97 30.23 41.88
CA LEU C 375 -37.23 30.57 39.94
CA GLU C 376 -36.50 28.69 36.69
CA LEU C 377 -39.75 28.56 34.74
CA ASP C 378 -40.19 27.94 31.00
CA PRO C 379 -42.24 30.71 29.41
CA PRO C 380 -44.78 29.56 26.80
CA PHE C 381 -43.65 29.81 23.18
CA GLY C 382 -44.96 32.93 21.46
CA ASP C 383 -45.44 36.58 22.34
CA SER C 384 -46.70 37.06 25.90
CA TYR C 385 -46.53 39.61 28.72
CA ILE C 386 -44.67 38.51 31.86
CA VAL C 387 -45.96 40.04 35.09
CA ILE C 388 -43.05 40.30 37.54
CA GLY C 389 -43.57 40.67 41.28
CA VAL C 390 -43.95 38.46 44.31
CA GLY C 391 -46.72 40.38 46.04
CA GLU C 392 -47.31 43.75 44.37
CA LYS C 393 -45.96 46.54 42.11
CA LYS C 394 -47.25 44.51 39.13
CA ILE C 395 -44.26 45.30 36.90
CA THR C 396 -44.32 43.78 33.41
CA HIS C 397 -41.65 42.72 30.93
CA HIS C 398 -41.45 41.70 27.29
CA TRP C 399 -40.22 38.24 26.33
CA HIS C 400 -39.81 38.32 22.53
CA ARG C 401 -37.07 35.66 22.55
CA SER C 402 -36.25 33.55 19.46
CA GLY C 403 -39.93 33.52 18.44
CA SER C 404 -41.53 30.11 18.07
CA THR C 405 -41.68 27.26 15.56
CA ILE C 406 -44.61 24.87 15.11
CA GLY C 407 -42.59 22.60 12.82
CA LYS C 408 -40.77 21.00 15.75
CA ALA C 409 -43.38 21.87 18.41
CA PHE C 410 -45.67 18.83 18.12
CA GLU C 411 -43.25 16.84 15.96
CA ALA C 412 -40.95 16.43 18.97
CA THR C 413 -43.89 15.19 21.06
CA VAL C 414 -44.87 12.72 18.32
CA ARG C 415 -41.28 11.46 18.13
CA GLY C 416 -41.19 11.08 21.91
CA ALA C 417 -44.41 9.08 21.77
CA LYS C 418 -42.62 6.59 19.51
CA ARG C 419 -39.37 6.99 21.47
CA MET C 420 -40.72 5.28 24.61
CA ALA C 421 -41.08 2.08 22.53
CA VAL C 422 -44.41 0.94 23.95
CA LEU C 423 -44.36 -2.06 21.57
CA GLY C 424 -41.14 -3.28 23.23
CA ASP C 425 -42.82 -4.04 26.57
CA THR C 426 -45.99 -5.99 25.60
CA ALA C 427 -47.02 -5.91 29.28
CA TRP C 428 -49.15 -2.75 29.01
CA ASP C 429 -52.33 -4.84 29.17
CA PHE C 430 -51.63 -5.87 32.80
CA GLY C 431 -53.99 -8.82 32.55
CA SER C 432 -57.74 -8.33 32.82
CA VAL C 433 -57.58 -5.96 35.81
CA GLY C 434 -56.14 -2.80 34.27
CA GLY C 435 -56.33 0.41 36.29
CA ALA C 436 -54.41 2.56 33.80
CA LEU C 437 -55.53 2.08 30.21
CA ASN C 438 -54.10 4.75 27.90
CA SER C 439 -51.72 6.96 29.95
CA LEU C 440 -50.44 8.28 26.61
CA GLY C 441 -52.95 11.00 25.77
CA LYS C 442 -52.03 12.92 28.92
CA GLY C 443 -48.37 12.85 27.85
CA ILE C 444 -48.59 14.56 24.46
CA HIS C 445 -51.87 16.49 24.54
CA GLN C 446 -50.83 18.51 27.60
CA ILE C 447 -48.51 20.58 25.38
CA PHE C 448 -51.54 22.12 23.63
CA GLY C 449 -53.63 24.13 26.08
CA ALA C 450 -56.20 25.48 23.62
CA ALA C 451 -56.55 22.81 20.94
CA PHE C 452 -57.11 19.81 23.22
CA LYS C 453 -57.37 20.64 26.93
CA SER C 454 -59.27 23.95 27.20
CA LEU C 455 -61.61 24.54 24.26
CA PHE C 456 -62.41 28.25 23.86
CA GLY C 457 -63.50 28.51 27.50
CA GLY C 458 -66.45 27.39 29.59
CA MET C 459 -66.87 23.68 28.98
CA SER C 460 -63.24 22.60 28.77
CA TRP C 461 -62.63 19.27 30.50
CA PHE C 462 -66.09 17.67 30.23
CA SER C 463 -66.61 19.00 26.70
CA GLN C 464 -64.10 16.40 25.47
CA ILE C 465 -66.79 13.75 26.00
CA LEU C 466 -69.08 15.64 23.61
CA ILE C 467 -66.35 16.15 20.99
CA GLY C 468 -65.33 12.50 21.29
CA THR C 469 -68.87 11.16 20.90
CA LEU C 470 -69.35 13.47 17.91
CA LEU C 471 -66.03 12.33 16.41
CA MET C 472 -66.49 8.57 16.93
CA TRP C 473 -70.20 7.88 16.30
CA LEU C 474 -70.23 9.03 12.65
CA GLY C 475 -71.44 5.67 11.37
CA LEU C 476 -70.21 2.89 9.12
CA ASN C 477 -67.94 5.42 7.34
CA THR C 478 -68.45 4.78 3.64
CA LYS C 479 -65.65 5.83 1.26
CA ASN C 480 -62.76 3.62 2.47
CA GLY C 481 -64.30 2.18 5.65
CA SER C 482 -60.87 1.77 7.24
CA ILE C 483 -61.73 5.31 8.31
CA SER C 484 -64.43 3.67 10.47
CA LEU C 485 -61.86 1.70 12.45
CA MET C 486 -59.52 4.69 12.65
CA CYS C 487 -62.39 6.92 13.82
CA LEU C 488 -63.42 4.39 16.48
CA ALA C 489 -59.84 4.17 17.74
CA LEU C 490 -59.48 7.97 17.84
CA GLY C 491 -62.78 8.35 19.69
CA GLY C 492 -61.81 5.68 22.20
CA VAL C 493 -58.49 7.43 22.81
CA LEU C 494 -60.24 10.79 23.25
CA ILE C 495 -62.74 9.28 25.71
CA PHE C 496 -59.94 7.61 27.70
CA LEU C 497 -58.07 10.94 27.83
CA SER C 498 -61.23 12.78 28.90
CA THR C 499 -61.50 10.88 32.18
CA ALA C 500 -57.73 10.99 32.81
CA VAL C 501 -57.72 14.71 33.72
CA SER C 502 -59.46 14.68 37.12
CA ALA C 503 -59.86 10.94 37.82
CA ARG D 1 25.46 -32.70 44.95
CA GLY D 2 24.87 -36.18 46.34
CA SER D 3 27.42 -35.64 49.14
CA ALA D 4 30.26 -35.86 46.64
CA TYR D 5 31.83 -32.45 45.98
CA TYR D 6 29.69 -29.50 47.15
CA MET D 7 32.16 -27.27 45.31
CA TYR D 8 31.68 -23.78 43.87
CA LEU D 9 33.84 -21.33 41.92
CA ASP D 10 33.84 -17.60 41.22
CA ARG D 11 35.47 -15.32 38.64
CA ASN D 12 38.80 -15.41 40.52
CA ASP D 13 38.75 -19.21 40.93
CA ALA D 14 37.59 -19.91 37.37
CA GLY D 15 39.66 -19.90 34.19
CA GLU D 16 42.58 -22.04 35.41
CA ALA D 17 43.31 -25.62 36.45
CA ILE D 18 42.39 -26.46 40.05
CA SER D 19 43.47 -29.92 41.23
CA PHE D 20 41.10 -31.75 43.60
CA PRO D 21 42.76 -35.06 44.60
CA THR D 22 39.64 -36.54 46.17
CA THR D 23 39.56 -39.98 47.79
CA LEU D 24 37.48 -41.44 44.93
CA GLY D 25 40.30 -40.80 42.46
CA MET D 26 42.56 -38.27 40.79
CA ASN D 27 40.48 -35.44 39.32
CA LYS D 28 42.14 -32.63 37.40
CA CYS D 29 38.92 -30.53 37.31
CA TYR D 30 39.70 -28.58 34.14
CA ILE D 31 37.03 -25.87 34.06
CA GLN D 32 37.16 -23.69 30.96
CA ILE D 33 33.68 -22.12 31.20
CA MET D 34 33.21 -18.37 31.13
CA ASP D 35 34.52 -16.72 34.31
CA LEU D 36 31.36 -16.13 36.37
CA GLY D 37 29.97 -17.17 39.74
CA HIS D 38 29.22 -14.21 42.00
CA MET D 39 26.83 -14.49 44.98
CA CYS D 40 24.57 -16.02 42.28
CA ASP D 41 20.98 -15.71 43.46
CA ALA D 42 20.42 -17.79 40.30
CA THR D 43 23.04 -20.56 40.08
CA MET D 44 24.30 -22.39 37.01
CA SER D 45 24.00 -26.17 37.31
CA TYR D 46 25.85 -28.75 35.22
CA GLU D 47 27.95 -31.89 35.69
CA CYS D 48 31.04 -32.66 33.63
CA PRO D 49 30.46 -36.09 32.04
CA MET D 50 34.08 -37.29 31.60
CA LEU D 51 37.44 -36.97 29.82
CA ASP D 52 38.32 -40.68 30.07
CA GLU D 53 38.93 -42.84 27.00
CA GLY D 54 35.96 -43.12 24.66
CA VAL D 55 34.75 -39.55 25.29
CA GLU D 56 36.66 -36.49 24.15
CA PRO D 57 35.91 -32.94 25.38
CA ASP D 58 35.41 -31.52 21.86
CA ASP D 59 32.15 -29.56 22.04
CA VAL D 60 31.57 -29.30 25.80
CA ASP D 61 33.33 -26.48 27.65
CA CYS D 62 33.33 -28.36 30.99
CA TRP D 63 35.12 -31.67 31.51
CA CYS D 64 37.12 -33.75 33.98
CA ASN D 65 39.43 -36.74 33.61
CA THR D 66 37.84 -39.06 36.20
CA THR D 67 35.30 -39.00 39.03
CA SER D 68 32.85 -36.55 37.45
CA THR D 69 32.78 -33.35 39.49
CA TRP D 70 30.16 -30.74 40.41
CA VAL D 71 30.83 -27.07 39.64
CA VAL D 72 28.30 -24.26 39.99
CA TYR D 73 29.78 -21.14 38.32
CA GLY D 74 26.53 -19.20 38.64
CA THR D 75 25.55 -16.30 36.40
CA CYS D 76 24.60 -13.35 38.67
CA HIS D 77 24.35 -10.67 36.00
CA HIS D 78 22.96 -8.11 38.47
CA LYS D 79 20.94 -7.82 41.66
CA LYS D 80 17.91 -7.12 39.45
CA GLY D 81 17.16 -8.29 35.91
CA GLU D 82 17.70 -6.73 32.49
CA ALA D 83 15.40 -5.17 29.89
CA ARG D 84 16.27 -5.87 26.24
CA ARG D 85 14.76 -7.26 23.05
CA SER D 86 11.48 -5.36 22.58
CA ARG D 87 8.54 -7.72 22.08
CA ARG D 88 4.74 -7.97 22.45
CA ALA D 89 3.41 -7.88 18.88
CA VAL D 90 1.31 -11.04 18.67
CA THR D 91 -2.43 -10.57 18.18
CA LEU D 92 -4.16 -8.05 15.93
CA PRO D 93 -7.78 -9.04 16.77
CA SER D 94 -10.15 -7.82 17.66
CA HIS D 95 -10.74 -5.16 15.01
CA SER D 96 -13.45 -2.51 15.59
CA THR D 97 -15.21 -5.03 17.90
CA ARG D 98 -18.33 -5.84 15.85
CA LYS D 99 -18.81 -2.27 14.62
CA LEU D 100 -22.59 -1.88 15.13
CA GLN D 101 -22.56 1.82 14.30
CA THR D 102 -26.18 2.26 15.44
CA ARG D 103 -26.94 5.62 13.83
CA SER D 104 -30.51 6.54 12.87
CA GLN D 105 -33.34 9.01 13.47
CA THR D 106 -31.94 11.95 11.53
CA TRP D 107 -35.19 13.93 12.16
CA LEU D 108 -34.63 16.44 9.35
CA GLU D 109 -36.03 19.92 9.96
CA SER D 110 -37.22 22.59 7.51
CA ARG D 111 -36.13 26.21 7.95
CA GLU D 112 -35.99 28.63 5.05
CA TYR D 113 -35.47 32.36 5.70
CA THR D 114 -36.56 35.66 7.20
CA LYS D 115 -37.85 34.34 10.55
CA HIS D 116 -41.10 36.22 9.86
CA LEU D 117 -43.63 33.70 8.51
CA ILE D 118 -43.31 31.46 11.59
CA ARG D 119 -43.94 34.48 13.85
CA VAL D 120 -46.98 35.49 11.77
CA GLU D 121 -48.50 32.01 11.84
CA ASN D 122 -47.77 31.68 15.58
CA TRP D 123 -49.55 34.97 16.28
CA ILE D 124 -52.47 33.88 14.10
CA PHE D 125 -52.65 30.55 15.98
CA ARG D 126 -53.20 32.46 19.25
CA ASN D 127 -56.46 34.02 18.00
CA PRO D 128 -58.91 34.17 20.96
CA GLY D 129 -61.94 33.45 18.79
CA PHE D 130 -61.81 30.31 16.69
CA ALA D 131 -64.53 31.05 14.14
CA LEU D 132 -62.68 29.25 11.35
CA ALA D 133 -63.95 25.68 10.92
CA ALA D 134 -67.70 26.36 11.17
CA ALA D 135 -67.50 29.15 8.58
CA ALA D 136 -64.93 27.42 6.35
CA ILE D 137 -66.89 24.16 6.02
CA ALA D 138 -69.66 26.18 4.35
CA TRP D 139 -67.40 28.63 2.48
CA LEU D 140 -65.47 25.87 0.70
CA LEU D 141 -68.69 24.20 -0.51
CA GLY D 142 -69.84 27.27 -2.45
CA SER D 143 -67.06 27.17 -5.04
CA SER D 144 -65.23 24.34 -6.80
CA THR D 145 -62.19 22.58 -5.37
CA SER D 146 -60.13 23.04 -8.54
CA GLN D 147 -60.31 26.83 -8.04
CA LYS D 148 -58.50 26.49 -4.67
CA VAL D 149 -61.24 28.46 -2.93
CA ILE D 150 -60.08 27.02 0.39
CA TYR D 151 -56.73 28.80 0.06
CA LEU D 152 -58.49 31.98 -1.05
CA VAL D 153 -60.71 32.02 2.05
CA MET D 154 -57.81 31.02 4.31
CA ILE D 155 -55.55 33.88 3.16
CA LEU D 156 -58.44 36.33 3.65
CA LEU D 157 -59.15 35.04 7.19
CA ILE D 158 -55.69 34.80 8.79
CA ALA D 159 -54.61 38.21 7.47
CA PRO D 160 -57.15 40.22 9.56
CA ALA D 161 -56.05 38.22 12.63
CA TYR D 162 -52.73 40.10 12.76
CA SER D 163 -54.26 42.88 14.87
CA ARG E 1 17.63 -57.88 -30.14
CA CYS E 2 14.04 -58.80 -31.08
CA ILE E 3 15.06 -62.25 -32.32
CA GLY E 4 15.50 -64.47 -29.27
CA VAL E 5 13.03 -62.48 -27.18
CA SER E 6 9.28 -61.90 -27.29
CA ASN E 7 9.42 -58.40 -28.77
CA ARG E 8 9.47 -57.73 -32.52
CA ASP E 9 8.67 -54.77 -34.77
CA PHE E 10 8.29 -55.98 -38.41
CA VAL E 11 8.00 -52.57 -40.06
CA GLU E 12 7.40 -52.58 -43.81
CA GLY E 13 6.23 -50.07 -46.37
CA MET E 14 6.71 -48.93 -49.94
CA SER E 15 10.11 -50.01 -51.28
CA GLY E 16 11.94 -47.70 -53.68
CA GLY E 17 15.44 -46.67 -54.62
CA THR E 18 15.48 -43.21 -53.07
CA TRP E 19 11.85 -41.99 -52.93
CA VAL E 20 10.59 -44.03 -49.99
CA ASP E 21 11.04 -43.40 -46.28
CA VAL E 22 11.22 -45.67 -43.23
CA VAL E 23 10.09 -45.31 -39.60
CA LEU E 24 12.36 -45.20 -36.55
CA GLU E 25 10.96 -44.56 -33.07
CA HIS E 26 12.29 -45.03 -29.56
CA GLY E 27 10.89 -47.79 -27.34
CA GLY E 28 11.68 -50.64 -29.72
CA CYS E 29 14.12 -51.82 -32.34
CA VAL E 30 13.81 -50.99 -36.06
CA THR E 31 13.98 -53.89 -38.46
CA VAL E 32 15.52 -54.78 -41.81
CA MET E 33 13.81 -57.62 -43.74
CA ALA E 34 11.94 -55.80 -46.46
CA GLN E 35 11.79 -57.57 -49.86
CA ASP E 36 14.52 -60.09 -50.63
CA LYS E 37 16.54 -59.33 -47.66
CA PRO E 38 19.98 -59.33 -46.11
CA THR E 39 19.17 -58.26 -42.57
CA VAL E 40 21.15 -56.30 -39.96
CA ASP E 41 20.40 -55.38 -36.35
CA ILE E 42 19.53 -51.79 -35.45
CA GLU E 43 19.95 -50.13 -32.03
CA LEU E 44 19.02 -46.47 -31.60
CA VAL E 45 19.27 -45.75 -27.84
CA THR E 46 22.31 -43.60 -26.97
CA THR E 47 23.22 -39.94 -26.42
CA THR E 48 26.51 -38.05 -26.06
CA VAL E 49 27.42 -34.55 -24.89
CA SER E 50 29.99 -33.79 -27.63
CA ASN E 51 32.36 -31.29 -26.00
CA MET E 52 30.07 -29.28 -23.74
CA ALA E 53 30.84 -25.66 -22.88
CA GLU E 54 30.64 -24.39 -19.30
CA VAL E 55 29.31 -20.87 -18.77
CA ARG E 56 27.26 -21.12 -15.55
CA SER E 57 27.72 -21.57 -11.79
CA TYR E 58 25.76 -22.37 -8.64
CA CYS E 59 26.34 -23.94 -5.23
CA TYR E 60 24.58 -26.42 -2.94
CA GLU E 61 26.79 -26.71 0.16
CA ALA E 62 28.05 -24.74 3.19
CA SER E 63 31.47 -23.09 3.25
CA ILE E 64 32.52 -19.78 4.84
CA SER E 65 35.71 -18.46 6.40
CA ASP E 66 37.85 -15.45 7.40
CA MET E 67 34.87 -13.99 9.27
CA ALA E 68 36.15 -10.40 9.06
CA SER E 69 34.56 -7.83 11.36
CA ASP E 70 35.75 -4.59 12.95
CA SER E 71 34.64 -2.52 15.94
CA ARG E 72 34.60 1.28 15.76
CA CYS E 73 33.39 4.02 18.09
CA PRO E 74 30.12 5.74 17.14
CA THR E 75 30.41 8.89 15.00
CA GLN E 76 33.93 8.14 13.84
CA GLY E 77 33.80 7.66 10.08
CA GLU E 78 33.72 5.05 7.33
CA ALA E 79 37.51 4.54 6.83
CA TYR E 80 36.82 2.81 3.45
CA LEU E 81 37.79 -0.71 4.46
CA ASP E 82 39.26 -2.59 1.50
CA LYS E 83 37.56 -5.90 2.38
CA GLN E 84 34.20 -4.74 0.96
CA SER E 85 35.70 -3.13 -2.16
CA ASP E 86 35.33 -6.28 -4.26
CA THR E 87 32.47 -8.77 -4.56
CA GLN E 88 34.60 -11.72 -3.41
CA TYR E 89 33.52 -11.03 0.17
CA VAL E 90 29.85 -10.96 1.10
CA CYS E 91 28.41 -7.45 0.77
CA LYS E 92 26.52 -6.86 4.02
CA ARG E 93 26.31 -4.18 6.72
CA THR E 94 24.80 -3.94 10.19
CA LEU E 95 24.02 -1.03 12.51
CA VAL E 96 23.31 -1.50 16.22
CA ASP E 97 23.01 0.95 19.12
CA ARG E 98 25.12 -0.17 22.08
CA GLY E 99 23.97 1.40 25.34
CA TRP E 100 25.87 4.54 26.29
CA GLY E 101 27.71 4.20 29.58
CA ASN E 102 27.89 0.40 29.25
CA GLY E 103 30.07 -0.51 26.25
CA CYS E 104 30.73 2.62 24.21
CA GLY E 105 29.45 5.71 26.01
CA LEU E 106 29.58 7.73 22.78
CA PHE E 107 26.96 9.35 20.58
CA GLY E 108 25.99 7.92 17.20
CA LYS E 109 24.68 4.76 15.58
CA GLY E 110 27.90 3.01 14.53
CA SER E 111 28.91 0.77 11.67
CA LEU E 112 29.86 -2.89 11.20
CA VAL E 113 31.44 -4.78 8.31
CA THR E 114 30.80 -8.50 8.92
CA CYS E 115 32.33 -9.75 5.67
CA ALA E 116 33.60 -13.27 4.95
CA LYS E 117 35.34 -14.81 1.94
CA PHE E 118 33.80 -17.57 -0.15
CA ALA E 119 36.64 -20.14 0.06
CA CYS E 120 34.73 -23.29 -0.93
CA SER E 121 35.86 -26.68 -2.21
CA LYS E 122 33.81 -27.75 -5.24
CA LYS E 123 31.89 -26.24 -8.15
CA MET E 124 28.54 -27.37 -9.53
CA THR E 125 29.36 -27.39 -13.28
CA GLY E 126 26.39 -25.43 -14.63
CA LYS E 127 26.56 -27.42 -17.89
CA SER E 128 24.83 -25.08 -20.33
CA ILE E 129 22.89 -26.42 -23.31
CA GLN E 130 24.74 -25.77 -26.60
CA PRO E 131 21.99 -27.50 -28.62
CA GLU E 132 24.16 -27.79 -31.76
CA ASN E 133 26.31 -30.42 -30.00
CA LEU E 134 23.71 -33.20 -29.65
CA GLU E 135 25.60 -35.47 -32.09
CA TYR E 136 23.27 -38.46 -31.98
CA ARG E 137 24.74 -41.89 -32.67
CA ILE E 138 23.39 -45.05 -34.33
CA MET E 139 24.86 -48.53 -33.84
CA LEU E 140 24.18 -51.66 -35.90
CA SER E 141 26.01 -54.94 -36.27
CA VAL E 142 24.22 -58.04 -37.61
CA HIS E 143 21.00 -59.95 -37.87
CA GLY E 144 22.00 -63.52 -38.63
CA SER E 145 23.11 -66.81 -37.12
CA GLN E 146 25.03 -65.12 -34.23
CA HIS E 147 28.35 -66.92 -34.68
CA SER E 148 29.81 -65.09 -31.68
CA GLY E 149 26.43 -64.20 -30.16
CA MET E 150 25.37 -67.81 -29.65
CA ILE E 151 26.98 -68.09 -26.20
CA VAL E 152 25.87 -64.65 -24.97
CA ASN E 153 23.45 -62.33 -26.77
CA ASP E 154 23.98 -58.90 -25.18
CA THR E 155 27.77 -58.77 -25.67
CA GLY E 156 29.25 -55.93 -27.70
CA HIS E 157 31.77 -55.77 -30.55
CA GLU E 158 30.54 -59.08 -31.92
CA THR E 159 30.45 -57.81 -35.52
CA ASP E 160 33.14 -58.05 -38.22
CA GLU E 161 35.67 -55.96 -36.26
CA ASN E 162 35.52 -53.20 -33.64
CA ARG E 163 31.79 -52.42 -33.65
CA ALA E 164 31.03 -49.42 -35.85
CA LYS E 165 29.94 -46.19 -34.19
CA VAL E 166 29.01 -43.12 -36.23
CA GLU E 167 27.81 -39.72 -35.05
CA ILE E 168 24.50 -39.15 -36.83
CA THR E 169 24.01 -35.40 -36.48
CA PRO E 170 20.72 -33.77 -37.58
CA ASN E 171 22.74 -32.30 -40.48
CA SER E 172 22.27 -35.51 -42.55
CA PRO E 173 25.77 -37.05 -42.37
CA ARG E 174 27.19 -38.60 -45.53
CA ALA E 175 28.72 -41.62 -43.78
CA GLU E 176 29.47 -44.56 -46.09
CA ALA E 177 30.03 -47.36 -43.56
CA THR E 178 29.82 -50.78 -45.21
CA LEU E 179 29.19 -54.14 -43.56
CA GLY E 180 31.09 -56.84 -45.44
CA GLY E 181 30.55 -56.95 -49.18
CA PHE E 182 26.89 -55.94 -48.98
CA GLY E 183 27.62 -52.40 -50.22
CA SER E 184 27.59 -48.80 -49.09
CA LEU E 185 24.37 -46.99 -48.16
CA GLY E 186 23.28 -43.37 -48.00
CA LEU E 187 22.07 -41.44 -44.97
CA ASP E 188 19.50 -38.63 -44.77
CA CYS E 189 17.87 -37.26 -41.62
CA GLU E 190 14.85 -35.07 -40.88
CA PRO E 191 13.48 -34.19 -37.42
CA ARG E 192 10.34 -36.04 -36.40
CA THR E 193 7.54 -35.02 -34.02
CA GLY E 194 8.89 -34.56 -30.50
CA LEU E 195 11.91 -33.26 -28.60
CA ASP E 196 10.40 -30.00 -27.39
CA PHE E 197 13.37 -27.66 -26.99
CA SER E 198 12.85 -25.35 -24.00
CA ASP E 199 16.53 -24.77 -23.09
CA LEU E 200 16.75 -27.90 -20.94
CA TYR E 201 19.64 -27.44 -18.51
CA TYR E 202 21.18 -30.61 -17.10
CA LEU E 203 22.41 -30.65 -13.51
CA THR E 204 25.44 -32.42 -12.03
CA MET E 205 25.24 -32.79 -8.22
CA ASN E 206 28.23 -35.15 -8.26
CA ASN E 207 27.18 -37.45 -11.11
CA LYS E 208 23.49 -37.42 -10.10
CA HIS E 209 21.30 -35.45 -12.49
CA TRP E 210 17.69 -34.37 -12.93
CA LEU E 211 15.64 -31.88 -14.95
CA VAL E 212 15.44 -28.14 -14.25
CA HIS E 213 13.66 -25.19 -15.86
CA LYS E 214 15.02 -21.97 -17.41
CA GLU E 215 13.13 -18.98 -15.95
CA TRP E 216 12.67 -20.60 -12.55
CA PHE E 217 16.36 -21.58 -12.73
CA HIS E 218 17.20 -17.93 -12.00
CA ASP E 219 13.92 -16.98 -10.30
CA ILE E 220 14.43 -19.30 -7.31
CA PRO E 221 16.23 -17.45 -4.46
CA LEU E 222 19.47 -19.44 -4.71
CA PRO E 223 23.05 -18.55 -5.76
CA TRP E 224 23.01 -18.32 -9.56
CA HIS E 225 25.80 -16.94 -11.74
CA ALA E 226 27.36 -17.41 -15.17
CA GLY E 227 30.81 -18.62 -14.14
CA ALA E 228 33.72 -19.77 -16.29
CA ASP E 229 36.44 -20.38 -13.69
CA THR E 230 36.25 -21.60 -10.09
CA GLY E 231 37.22 -18.14 -8.82
CA THR E 232 34.44 -15.99 -10.28
CA PRO E 233 33.85 -13.20 -7.73
CA HIS E 234 30.50 -11.82 -8.94
CA TRP E 235 27.98 -14.14 -7.26
CA ASN E 236 24.75 -12.27 -8.12
CA ASN E 237 23.12 -13.84 -5.05
CA LYS E 238 24.91 -13.34 -1.74
CA GLU E 239 22.59 -13.99 1.22
CA ALA E 240 21.09 -17.24 -0.13
CA LEU E 241 23.86 -19.39 1.35
CA VAL E 242 24.53 -17.28 4.48
CA GLU E 243 21.62 -16.35 6.75
CA PHE E 244 21.54 -13.27 8.96
CA LYS E 245 21.64 -14.25 12.64
CA ASP E 246 23.16 -13.08 15.93
CA ALA E 247 24.73 -14.91 18.87
CA HIS E 248 24.85 -12.42 21.77
CA ALA E 249 23.93 -8.80 20.95
CA LYS E 250 27.02 -8.40 18.72
CA ARG E 251 29.02 -9.88 15.83
CA GLN E 252 26.16 -11.11 13.66
CA THR E 253 26.87 -14.78 13.02
CA VAL E 254 28.37 -15.50 9.61
CA VAL E 255 29.21 -18.97 10.99
CA VAL E 256 28.93 -21.93 8.62
CA LEU E 257 25.36 -23.18 8.34
CA GLY E 258 24.14 -26.73 7.81
CA SER E 259 25.59 -28.75 4.97
CA GLN E 260 22.25 -28.79 3.07
CA GLU E 261 23.69 -31.18 0.46
CA GLY E 262 22.22 -34.59 1.29
CA ALA E 263 18.82 -33.36 2.48
CA VAL E 264 18.27 -31.11 -0.54
CA HIS E 265 19.60 -33.81 -2.88
CA THR E 266 17.07 -36.30 -1.48
CA ALA E 267 14.20 -33.79 -1.51
CA LEU E 268 14.80 -32.51 -5.06
CA ALA E 269 15.30 -36.00 -6.53
CA GLY E 270 11.58 -36.24 -7.37
CA ALA E 271 12.31 -35.03 -10.90
CA LEU E 272 13.04 -37.25 -13.93
CA GLU E 273 16.23 -38.38 -12.15
CA ALA E 274 18.31 -39.38 -15.19
CA GLU E 275 21.90 -40.17 -14.16
CA MET E 276 24.87 -40.01 -16.53
CA ASP E 277 26.05 -43.54 -17.37
CA GLY E 278 29.61 -42.66 -18.38
CA ALA E 279 31.97 -39.88 -19.36
CA LYS E 280 30.87 -39.97 -23.03
CA GLY E 281 27.14 -39.55 -22.36
CA ARG E 282 24.14 -41.58 -21.25
CA LEU E 283 21.51 -43.56 -23.13
CA SER E 284 18.36 -41.50 -23.71
CA SER E 285 15.23 -41.41 -25.86
CA GLY E 286 14.98 -39.60 -29.18
CA HIS E 287 13.35 -39.62 -32.61
CA LEU E 288 15.26 -39.91 -35.89
CA LYS E 289 13.90 -40.39 -39.40
CA CYS E 290 17.04 -42.27 -40.54
CA ARG E 291 16.29 -42.61 -44.23
CA LEU E 292 17.89 -45.72 -45.73
CA LYS E 293 18.50 -46.98 -49.26
CA MET E 294 18.61 -50.36 -50.99
CA ASP E 295 22.19 -50.04 -52.33
CA LYS E 296 23.25 -52.90 -50.02
CA LEU E 297 21.08 -55.42 -51.89
CA ARG E 298 23.38 -58.28 -52.92
CA LEU E 299 23.49 -62.09 -52.94
CA LYS E 300 26.78 -63.72 -51.89
CA GLY E 301 25.82 -67.39 -52.29
CA VAL E 302 27.83 -67.83 -55.50
CA SER E 303 30.57 -70.00 -53.94
CA TYR E 304 28.22 -72.26 -51.93
CA SER E 305 27.13 -75.32 -53.87
CA LEU E 306 24.56 -76.96 -51.66
CA CYS E 307 26.07 -78.56 -48.51
CA THR E 308 27.47 -81.82 -47.09
CA ALA E 309 25.75 -82.41 -43.75
CA ALA E 310 22.68 -83.36 -41.68
CA PHE E 311 21.07 -81.93 -38.55
CA THR E 312 18.11 -82.31 -36.19
CA PHE E 313 16.68 -80.24 -33.35
CA THR E 314 17.16 -82.74 -30.50
CA LYS E 315 17.60 -80.04 -27.85
CA ILE E 316 14.72 -77.69 -26.99
CA PRO E 317 11.26 -76.69 -28.31
CA ALA E 318 12.09 -72.96 -27.88
CA GLU E 319 8.71 -71.24 -27.66
CA THR E 320 8.53 -67.90 -25.89
CA LEU E 321 5.68 -65.71 -27.18
CA HIS E 322 5.30 -65.79 -30.96
CA GLY E 323 7.03 -68.90 -32.27
CA THR E 324 10.46 -67.77 -33.46
CA VAL E 325 12.70 -70.85 -33.50
CA THR E 326 16.28 -70.81 -32.18
CA VAL E 327 16.79 -74.54 -31.44
CA GLU E 328 20.25 -76.09 -31.33
CA VAL E 329 21.35 -77.89 -34.52
CA GLN E 330 24.45 -79.85 -35.53
CA TYR E 331 25.93 -78.65 -38.84
CA ALA E 332 28.28 -81.39 -40.03
CA GLY E 333 29.53 -79.70 -43.20
CA THR E 334 32.95 -80.43 -44.63
CA ASP E 335 35.00 -78.64 -47.31
CA GLY E 336 32.52 -75.86 -48.03
CA PRO E 337 31.28 -73.30 -48.90
CA CYS E 338 27.71 -74.53 -48.21
CA LYS E 339 24.18 -73.04 -48.22
CA VAL E 340 21.69 -75.16 -46.21
CA PRO E 341 18.88 -74.94 -44.97
CA ALA E 342 16.74 -73.21 -47.57
CA GLN E 343 13.35 -71.59 -46.96
CA MET E 344 11.43 -74.23 -48.94
CA ALA E 345 9.18 -76.45 -46.82
CA VAL E 346 6.86 -79.39 -47.49
CA ASP E 347 3.33 -80.35 -46.38
CA MET E 348 0.55 -82.79 -47.24
CA GLN E 349 -0.20 -80.85 -50.44
CA THR E 350 0.28 -77.26 -51.61
CA LEU E 351 1.80 -75.70 -48.51
CA THR E 352 0.83 -72.10 -47.84
CA PRO E 353 3.29 -69.64 -49.44
CA VAL E 354 2.79 -67.40 -46.37
CA GLY E 355 6.26 -68.48 -45.22
CA ARG E 356 8.74 -65.74 -46.09
CA LEU E 357 12.33 -65.88 -47.35
CA ILE E 358 14.49 -65.81 -44.19
CA THR E 359 17.94 -64.21 -44.35
CA ALA E 360 18.69 -63.88 -48.03
CA ASN E 361 21.02 -66.83 -48.55
CA PRO E 362 20.95 -70.30 -46.94
CA VAL E 363 24.69 -69.75 -46.35
CA ILE E 364 26.31 -70.19 -42.95
CA THR E 365 29.64 -68.53 -44.02
CA GLU E 366 31.26 -71.80 -42.86
CA SER E 367 30.28 -75.45 -42.27
CA THR E 368 33.54 -77.28 -41.55
CA GLU E 369 34.50 -78.87 -38.21
CA ASN E 370 31.02 -79.96 -37.05
CA SER E 371 29.78 -76.45 -36.30
CA LYS E 372 26.72 -75.90 -34.10
CA MET E 373 24.39 -72.98 -34.84
CA MET E 374 20.75 -71.90 -34.54
CA LEU E 375 17.82 -71.87 -36.95
CA GLU E 376 16.92 -68.15 -36.66
CA LEU E 377 14.21 -68.69 -39.27
CA ASP E 378 10.91 -66.93 -38.58
CA PRO E 379 7.86 -69.04 -39.50
CA PRO E 380 4.24 -67.91 -39.09
CA PHE E 381 2.18 -68.76 -36.02
CA GLY E 382 1.11 -72.30 -35.23
CA ASP E 383 2.38 -75.56 -36.65
CA SER E 384 4.04 -75.54 -40.07
CA TYR E 385 5.91 -78.54 -41.46
CA ILE E 386 9.49 -77.39 -42.09
CA VAL E 387 12.14 -79.51 -43.80
CA ILE E 388 14.80 -80.04 -41.11
CA GLY E 389 17.95 -81.59 -42.56
CA VAL E 390 20.33 -81.26 -45.48
CA GLY E 391 20.33 -84.33 -47.71
CA GLU E 392 17.14 -86.35 -47.23
CA LYS E 393 14.91 -88.15 -44.70
CA LYS E 394 12.99 -84.85 -44.25
CA ILE E 395 12.93 -84.79 -40.43
CA THR E 396 9.51 -83.43 -39.45
CA HIS E 397 8.86 -81.16 -36.46
CA HIS E 398 5.53 -80.01 -35.03
CA TRP E 399 4.93 -76.69 -33.29
CA HIS E 400 1.22 -76.58 -32.32
CA ARG E 401 1.12 -73.23 -30.52
CA SER E 402 -2.51 -71.99 -30.49
CA GLY E 403 -2.76 -72.92 -34.18
CA SER E 404 -1.77 -70.85 -37.21
CA THR E 405 -3.49 -67.55 -36.40
CA ILE E 406 -2.95 -65.03 -39.21
CA GLY E 407 -6.04 -62.95 -38.40
CA LYS E 408 -4.12 -60.67 -36.07
CA ALA E 409 -1.16 -60.28 -38.45
CA PHE E 410 -2.82 -58.21 -41.17
CA GLU E 411 -4.69 -56.01 -38.67
CA ALA E 412 -1.43 -55.43 -36.79
CA THR E 413 0.21 -54.39 -40.07
CA VAL E 414 -2.74 -52.08 -40.86
CA ARG E 415 -2.63 -50.41 -37.45
CA GLY E 416 1.16 -50.04 -37.67
CA ALA E 417 0.82 -48.47 -41.11
CA LYS E 418 -1.76 -46.03 -39.77
CA ARG E 419 0.38 -45.35 -36.68
CA MET E 420 3.58 -44.54 -38.60
CA ALA E 421 1.90 -41.24 -39.61
CA VAL E 422 2.90 -41.01 -43.26
CA LEU E 423 1.19 -37.60 -43.48
CA GLY E 424 4.06 -36.03 -41.54
CA ASP E 425 6.78 -36.83 -44.10
CA THR E 426 5.41 -36.06 -47.61
CA ALA E 427 8.43 -37.17 -49.65
CA TRP E 428 6.45 -38.58 -52.60
CA ASP E 429 6.92 -35.49 -54.78
CA PHE E 430 10.51 -36.15 -55.94
CA GLY E 431 10.62 -32.90 -57.85
CA SER E 432 8.28 -32.91 -60.83
CA VAL E 433 8.45 -36.68 -61.47
CA GLY E 434 6.14 -38.25 -58.88
CA GLY E 435 4.07 -41.03 -60.38
CA ALA E 436 3.59 -43.10 -57.20
CA LEU E 437 1.83 -42.04 -53.99
CA ASN E 438 0.03 -44.60 -51.84
CA SER E 439 1.70 -44.45 -48.39
CA LEU E 440 -0.52 -47.45 -47.57
CA GLY E 441 -0.47 -49.48 -50.79
CA LYS E 442 2.61 -51.65 -50.41
CA GLY E 443 2.76 -51.63 -46.59
CA ILE E 444 -0.57 -53.39 -46.18
CA HIS E 445 -0.89 -54.93 -49.65
CA GLN E 446 2.27 -57.02 -49.22
CA ILE E 447 0.65 -59.07 -46.44
CA PHE E 448 -2.71 -58.82 -48.19
CA GLY E 449 -1.30 -60.26 -51.44
CA ALA E 450 0.71 -62.88 -49.56
CA ALA E 451 -2.59 -64.08 -48.10
CA PHE E 452 -4.50 -63.70 -51.37
CA LYS E 453 -2.04 -65.48 -53.69
CA SER E 454 -2.54 -68.67 -51.70
CA LEU E 455 -6.29 -68.19 -52.29
CA PHE E 456 -6.18 -68.21 -56.13
CA GLY E 457 -6.09 -71.41 -58.16
CA GLY E 458 -3.58 -71.75 -60.99
CA MET E 459 -1.07 -69.00 -60.10
CA SER E 460 -0.10 -66.86 -57.14
CA TRP E 461 0.95 -63.34 -58.21
CA PHE E 462 0.01 -63.31 -61.91
CA SER E 463 -3.74 -62.92 -61.25
CA GLN E 464 -3.74 -59.37 -59.85
CA ILE E 465 -4.29 -57.74 -63.26
CA LEU E 466 -6.82 -60.39 -64.35
CA ILE E 467 -9.34 -59.58 -61.61
CA GLY E 468 -8.42 -55.89 -61.60
CA THR E 469 -9.48 -55.48 -65.23
CA LEU E 470 -12.85 -57.05 -64.43
CA LEU E 471 -13.22 -54.82 -61.36
CA MET E 472 -12.52 -51.64 -63.34
CA TRP E 473 -14.97 -52.77 -66.04
CA LEU E 474 -18.02 -52.23 -63.79
CA GLY E 475 -18.49 -48.63 -64.92
CA LEU E 476 -20.63 -45.92 -63.32
CA ASN E 477 -22.32 -48.57 -61.12
CA THR E 478 -25.95 -47.52 -60.73
CA LYS E 479 -27.85 -48.62 -57.59
CA ASN E 480 -25.89 -46.82 -54.83
CA GLY E 481 -22.75 -45.84 -56.78
CA SER E 482 -20.70 -45.47 -53.60
CA ILE E 483 -19.64 -48.99 -54.60
CA SER E 484 -18.31 -47.40 -57.81
CA LEU E 485 -15.97 -45.16 -55.81
CA MET E 486 -14.97 -48.08 -53.57
CA CYS E 487 -14.25 -50.33 -56.55
CA LEU E 488 -12.27 -47.59 -58.30
CA ALA E 489 -10.19 -47.06 -55.14
CA LEU E 490 -9.53 -50.80 -54.92
CA GLY E 491 -8.54 -50.92 -58.58
CA GLY E 492 -6.20 -47.98 -58.13
CA VAL E 493 -4.60 -49.67 -55.12
CA LEU E 494 -4.14 -52.85 -57.15
CA ILE E 495 -2.60 -50.90 -60.05
CA PHE E 496 -0.24 -49.09 -57.64
CA LEU E 497 1.30 -52.39 -56.50
CA SER E 498 1.14 -54.92 -59.34
CA THR E 499 4.75 -55.81 -60.18
CA ALA E 500 6.62 -53.50 -57.80
CA VAL E 501 6.62 -56.18 -55.07
CA SER E 502 8.39 -58.62 -57.42
CA ALA E 503 10.48 -55.84 -59.04
CA ARG F 1 48.14 -5.04 11.88
CA GLY F 2 47.58 -1.32 11.41
CA SER F 3 50.70 -0.27 13.37
CA ALA F 4 49.49 -2.26 16.41
CA TYR F 5 51.58 -4.54 18.65
CA TYR F 6 51.51 -7.22 15.88
CA MET F 7 50.14 -9.85 18.26
CA TYR F 8 48.42 -13.12 17.38
CA LEU F 9 46.78 -14.78 20.38
CA ASP F 10 45.16 -18.04 21.47
CA ARG F 11 43.78 -19.55 24.70
CA ASN F 12 47.12 -19.04 26.45
CA ASP F 13 46.69 -15.66 28.13
CA ALA F 14 42.93 -15.38 27.47
CA GLY F 15 40.89 -16.44 30.49
CA GLU F 16 43.62 -15.68 33.05
CA ALA F 17 45.26 -12.58 34.54
CA ILE F 18 48.01 -11.53 32.11
CA SER F 19 49.43 -8.03 31.73
CA PHE F 20 51.12 -6.65 28.62
CA PRO F 21 53.58 -3.80 28.08
CA THR F 22 52.25 -0.48 26.82
CA THR F 23 53.87 2.76 25.72
CA LEU F 24 51.51 4.91 27.82
CA GLY F 25 51.68 2.75 30.95
CA MET F 26 50.76 -0.74 32.12
CA ASN F 27 47.36 -2.29 31.43
CA LYS F 28 45.21 -4.11 34.00
CA CYS F 29 43.02 -5.85 31.39
CA TYR F 30 41.76 -9.26 32.48
CA ILE F 31 39.92 -11.71 30.20
CA GLN F 32 36.87 -13.18 31.91
CA ILE F 33 35.31 -14.66 28.74
CA MET F 34 35.12 -18.40 28.06
CA ASP F 35 38.51 -20.09 27.74
CA LEU F 36 38.13 -21.11 24.09
CA GLY F 37 40.30 -19.73 21.30
CA HIS F 38 42.43 -22.65 20.14
CA MET F 39 44.80 -22.56 17.15
CA CYS F 40 41.68 -20.96 15.60
CA ASP F 41 41.46 -21.88 11.97
CA ALA F 42 38.32 -19.81 12.42
CA THR F 43 39.04 -16.08 12.78
CA MET F 44 36.25 -14.99 15.16
CA SER F 45 37.44 -12.11 17.34
CA TYR F 46 36.20 -9.06 19.22
CA GLU F 47 37.91 -6.03 20.73
CA CYS F 48 37.81 -4.83 24.35
CA PRO F 49 36.06 -1.42 24.32
CA MET F 50 37.25 0.21 27.58
CA LEU F 51 37.23 0.17 31.39
CA ASP F 52 37.65 3.93 31.84
CA GLU F 53 35.32 6.03 34.00
CA GLY F 54 31.72 5.77 32.84
CA VAL F 55 32.10 2.10 31.84
CA GLU F 56 31.93 -0.72 34.38
CA PRO F 57 32.59 -4.44 33.76
CA ASP F 58 29.02 -5.52 34.54
CA ASP F 59 27.07 -6.17 31.32
CA VAL F 60 29.55 -5.97 28.44
CA ASP F 61 31.65 -8.91 27.26
CA CYS F 62 35.10 -7.28 27.37
CA TRP F 63 36.88 -4.35 28.98
CA CYS F 64 40.32 -2.77 29.28
CA ASN F 65 41.66 0.10 31.37
CA THR F 66 43.69 1.95 28.73
CA THR F 67 45.13 1.50 25.22
CA SER F 68 42.69 -1.13 24.00
CA THR F 69 44.53 -4.04 22.38
CA TRP F 70 43.44 -6.86 20.06
CA VAL F 71 42.43 -10.15 21.70
CA VAL F 72 40.98 -12.98 19.62
CA TYR F 73 39.41 -15.52 22.02
CA GLY F 74 37.81 -17.26 19.07
CA THR F 75 35.24 -20.02 19.36
CA CYS F 76 36.97 -22.79 17.34
CA HIS F 77 34.90 -25.75 18.46
CA HIS F 78 36.57 -27.97 15.85
CA LYS F 79 38.64 -27.63 12.70
CA LYS F 80 35.24 -26.97 11.09
CA GLY F 81 31.71 -26.04 12.12
CA GLU F 82 29.04 -27.95 14.04
CA ALA F 83 25.64 -29.37 13.15
CA ARG F 84 23.12 -26.52 13.02
CA ARG F 85 20.46 -25.06 10.76
CA SER F 86 18.09 -27.89 9.75
CA ARG F 87 18.97 -28.33 6.13
CA ARG F 88 16.76 -26.37 3.75
CA ALA F 89 13.47 -28.24 3.35
CA VAL F 90 12.07 -27.51 -0.12
CA THR F 91 9.09 -28.35 -2.33
CA LEU F 92 8.61 -29.89 -5.77
CA PRO F 93 6.41 -29.68 -8.88
CA SER F 94 4.81 -33.07 -7.99
CA HIS F 95 3.72 -33.97 -11.54
CA SER F 96 4.15 -32.83 -15.17
CA THR F 97 1.76 -32.57 -18.11
CA ARG F 98 1.34 -35.02 -21.00
CA LYS F 99 -1.37 -36.35 -23.32
CA LEU F 100 -1.23 -40.16 -23.17
CA GLN F 101 -4.89 -40.86 -22.33
CA THR F 102 -6.25 -44.03 -24.03
CA ARG F 103 -9.64 -45.66 -24.57
CA SER F 104 -11.51 -48.78 -23.42
CA GLN F 105 -9.53 -51.54 -25.24
CA THR F 106 -11.56 -54.11 -23.33
CA TRP F 107 -10.55 -57.33 -25.18
CA LEU F 108 -13.10 -59.53 -23.38
CA GLU F 109 -12.66 -63.31 -23.33
CA SER F 110 -15.42 -65.92 -23.22
CA ARG F 111 -15.55 -69.69 -22.74
CA GLU F 112 -13.93 -72.01 -25.27
CA TYR F 113 -17.23 -73.53 -26.54
CA THR F 114 -16.23 -77.20 -26.57
CA LYS F 115 -12.51 -76.54 -27.16
CA HIS F 116 -12.07 -79.40 -29.64
CA LEU F 117 -15.01 -78.21 -31.76
CA ILE F 118 -13.64 -74.66 -32.07
CA ARG F 119 -10.15 -76.06 -32.70
CA VAL F 120 -11.51 -78.02 -35.67
CA GLU F 121 -13.66 -75.11 -36.89
CA ASN F 122 -10.77 -72.62 -36.79
CA TRP F 123 -8.42 -75.20 -38.32
CA ILE F 124 -10.80 -75.24 -41.29
CA PHE F 125 -9.64 -71.66 -41.86
CA ARG F 126 -6.12 -72.76 -40.83
CA ASN F 127 -6.05 -75.43 -43.55
CA PRO F 128 -3.54 -75.00 -46.40
CA GLY F 129 -4.66 -72.57 -49.06
CA PHE F 130 -5.31 -73.03 -52.79
CA ALA F 131 -8.51 -74.86 -51.80
CA LEU F 132 -10.39 -72.36 -49.62
CA ALA F 133 -11.30 -69.41 -51.86
CA ALA F 134 -11.09 -71.37 -55.11
CA ALA F 135 -13.91 -73.67 -54.00
CA ALA F 136 -15.77 -70.86 -52.24
CA ILE F 137 -16.07 -68.72 -55.36
CA ALA F 138 -17.07 -71.77 -57.42
CA TRP F 139 -19.79 -72.99 -55.03
CA LEU F 140 -21.07 -69.50 -54.14
CA LEU F 141 -22.57 -68.93 -57.61
CA GLY F 142 -24.42 -72.27 -57.52
CA SER F 143 -27.38 -70.90 -55.55
CA SER F 144 -28.54 -67.37 -54.82
CA THR F 145 -29.18 -66.25 -51.26
CA SER F 146 -32.82 -66.34 -50.16
CA GLN F 147 -32.87 -67.44 -46.50
CA LYS F 148 -29.71 -68.58 -44.68
CA VAL F 149 -28.29 -69.82 -47.99
CA ILE F 150 -24.89 -68.23 -47.26
CA TYR F 151 -24.85 -69.93 -43.85
CA LEU F 152 -25.77 -73.25 -45.47
CA VAL F 153 -23.05 -73.04 -48.13
CA MET F 154 -20.43 -71.98 -45.56
CA ILE F 155 -21.42 -74.88 -43.28
CA LEU F 156 -21.23 -77.32 -46.20
CA LEU F 157 -17.64 -76.13 -46.87
CA ILE F 158 -16.34 -78.13 -43.87
CA ALA F 159 -16.40 -81.45 -45.77
CA PRO F 160 -12.75 -81.41 -47.00
CA ALA F 161 -11.60 -80.52 -43.46
CA TYR F 162 -12.28 -84.08 -42.26
CA SER F 163 -8.99 -85.33 -43.71
CA GLU G 1 -13.76 2.75 67.39
CA VAL G 2 -15.25 6.05 66.19
CA HIS G 3 -14.30 9.05 68.35
CA LEU G 4 -14.76 12.82 68.15
CA LEU G 5 -12.44 15.31 69.85
CA GLU G 6 -13.24 19.01 70.30
CA SER G 7 -10.74 21.80 70.91
CA GLY G 8 -10.52 25.57 71.14
CA GLY G 9 -13.09 25.92 73.92
CA GLY G 10 -12.59 28.04 76.99
CA LEU G 11 -13.41 31.43 78.46
CA VAL G 12 -13.87 34.26 75.95
CA GLN G 13 -14.78 37.89 76.53
CA PRO G 14 -18.31 38.80 75.37
CA GLY G 15 -18.43 40.46 71.97
CA GLY G 16 -15.22 38.77 70.77
CA SER G 17 -14.51 35.94 68.36
CA LEU G 18 -13.34 32.33 68.62
CA ARG G 19 -12.59 29.41 66.29
CA LEU G 20 -13.69 25.93 67.34
CA SER G 21 -12.09 22.75 66.05
CA CYS G 22 -13.53 19.23 66.00
CA ALA G 23 -11.36 16.20 65.25
CA ALA G 24 -12.80 13.05 63.65
CA SER G 25 -11.31 9.56 63.51
CA GLY G 26 -12.25 6.02 62.56
CA PHE G 27 -15.15 6.73 60.21
CA THR G 28 -14.84 8.29 56.75
CA PHE G 29 -15.09 12.04 57.34
CA ASP G 30 -15.95 12.63 53.67
CA THR G 31 -19.03 10.39 53.58
CA TYR G 32 -20.22 11.19 57.14
CA ALA G 33 -22.13 14.37 57.94
CA MET G 34 -21.06 16.73 60.73
CA SER G 35 -23.35 18.96 62.77
CA TRP G 36 -23.07 21.39 65.68
CA VAL G 37 -25.30 21.55 68.75
CA ARG G 38 -25.15 23.51 72.01
CA GLN G 39 -26.85 23.45 75.40
CA PRO G 40 -26.74 26.15 78.09
CA PRO G 41 -25.84 24.98 81.60
CA GLY G 42 -29.10 23.70 83.07
CA LYS G 43 -31.07 24.24 79.84
CA GLY G 44 -32.05 22.10 76.87
CA LEU G 45 -30.22 21.22 73.68
CA GLU G 46 -30.19 23.55 70.67
CA TRP G 47 -28.97 22.60 67.20
CA VAL G 48 -26.41 25.11 65.92
CA SER G 49 -25.36 24.36 62.34
CA ALA G 50 -24.81 21.64 59.74
CA ILE G 51 -22.49 21.33 56.76
CA SER G 52 -22.45 19.48 53.43
CA THR G 53 -19.73 17.44 51.74
CA GLY G 54 -16.87 19.95 51.57
CA GLY G 55 -18.72 23.09 52.69
CA GLY G 56 -20.76 23.62 49.52
CA SER G 57 -23.72 24.92 51.54
CA LYS G 58 -23.98 26.19 55.12
CA TYR G 59 -27.16 26.37 57.20
CA TYR G 60 -27.65 27.85 60.66
CA ALA G 61 -30.43 27.93 63.24
CA ASP G 62 -32.33 31.19 63.60
CA SER G 63 -30.74 32.00 66.96
CA VAL G 64 -27.11 32.23 65.84
CA LYS G 65 -27.69 32.79 62.11
CA GLY G 66 -25.68 35.71 60.76
CA ARG G 67 -23.01 35.37 63.46
CA LEU G 68 -21.59 31.81 63.27
CA THR G 69 -19.81 30.02 60.42
CA ILE G 70 -19.31 26.26 60.10
CA SER G 71 -16.39 24.94 58.04
CA ARG G 72 -14.81 21.53 57.49
CA ASP G 73 -11.47 20.23 56.20
CA ASN G 74 -11.87 16.85 54.50
CA SER G 75 -8.11 16.52 53.99
CA GLN G 76 -7.38 16.64 57.74
CA ASN G 77 -10.76 15.17 58.82
CA THR G 78 -11.30 18.27 60.97
CA LEU G 79 -14.43 20.36 61.50
CA TYR G 80 -14.41 24.04 62.46
CA LEU G 81 -16.92 26.46 63.96
CA GLN G 82 -16.32 30.21 63.75
CA MET G 83 -17.59 32.50 66.50
CA SER G 84 -18.46 36.14 65.87
CA SER G 85 -20.53 38.77 67.70
CA LEU G 86 -20.64 36.60 70.81
CA ARG G 87 -22.95 37.45 73.71
CA ALA G 88 -24.25 36.00 76.97
CA ASP G 89 -26.81 33.90 75.06
CA ASP G 90 -23.91 32.00 73.46
CA THR G 91 -22.58 30.84 76.84
CA ALA G 92 -23.16 27.09 76.49
CA VAL G 93 -21.45 23.74 75.93
CA TYR G 94 -21.01 23.11 72.20
CA TYR G 95 -21.09 19.46 71.12
CA CYS G 96 -19.60 18.21 67.85
CA ALA G 97 -21.59 15.09 67.03
CA ARG G 98 -21.32 12.78 64.02
CA SER G 99 -24.59 12.47 62.11
CA ASP G 100 -25.80 10.51 59.11
CA PHE G 101 -28.26 13.30 58.25
CA TRP G 102 -27.91 12.51 54.53
CA ARG G 103 -25.64 9.55 53.79
CA SER G 104 -27.63 6.73 52.15
CA GLY G 105 -30.72 4.61 52.62
CA ARG G 106 -33.23 6.01 55.11
CA TYR G 107 -32.31 9.03 57.24
CA TYR G 108 -34.28 10.45 60.15
CA TYR G 109 -32.38 13.62 61.22
CA TYR G 110 -30.49 11.81 63.99
CA MET G 111 -26.93 11.75 65.32
CA ASP G 112 -24.91 8.55 65.69
CA VAL G 113 -22.08 9.49 68.09
CA TRP G 114 -21.29 12.67 70.02
CA GLY G 115 -18.02 14.35 70.94
CA ARG G 116 -16.65 15.33 74.33
CA GLY G 117 -17.72 18.96 73.94
CA THR G 118 -16.19 22.25 75.04
CA THR G 119 -17.40 25.06 77.30
CA VAL G 120 -17.66 28.54 75.78
CA THR G 121 -18.41 31.66 77.81
CA SER H 1 -42.05 25.73 66.05
CA ALA H 2 -40.08 24.63 69.10
CA LEU H 3 -41.15 21.31 70.58
CA THR H 4 -42.83 21.40 73.99
CA GLN H 5 -42.08 18.75 76.62
CA PRO H 6 -43.30 18.12 80.18
CA ALA H 7 -41.19 19.64 82.93
CA SER H 8 -40.45 16.33 84.68
CA VAL H 9 -41.70 12.77 85.12
CA SER H 10 -41.46 10.31 88.00
CA ALA H 11 -41.69 6.51 88.01
CA SER H 12 -40.67 3.72 90.36
CA PRO H 13 -38.22 1.05 89.12
CA GLY H 14 -39.83 -1.91 87.39
CA GLN H 15 -42.70 0.12 85.91
CA SER H 16 -43.29 1.82 82.54
CA ILE H 17 -43.20 5.59 82.01
CA THR H 18 -44.45 7.27 78.82
CA ILE H 19 -42.74 10.55 77.94
CA SER H 20 -44.53 12.56 75.25
CA CYS H 21 -43.29 15.15 72.75
CA THR H 22 -45.66 17.45 70.85
CA GLY H 23 -45.25 20.36 68.46
CA THR H 24 -46.87 22.33 65.65
CA HIS H 25 -47.54 21.08 62.12
CA PHE H 26 -44.11 22.17 60.85
CA ASP H 27 -42.22 19.18 62.30
CA ILE H 28 -44.48 16.37 63.61
CA VAL H 29 -47.62 15.67 61.56
CA ASP H 30 -45.82 15.79 58.20
CA TYR H 31 -42.41 14.23 58.97
CA ASP H 32 -41.43 10.98 60.68
CA TYR H 33 -37.86 12.25 61.31
CA LEU H 34 -38.15 12.11 65.10
CA SER H 35 -35.20 11.05 67.27
CA TRP H 36 -34.97 10.72 71.07
CA TYR H 37 -31.78 11.46 73.01
CA GLN H 38 -30.91 10.49 76.58
CA GLN H 39 -28.25 12.63 78.28
CA HIS H 40 -26.90 11.92 81.75
CA PRO H 41 -25.67 15.01 83.62
CA GLY H 42 -22.11 15.96 82.75
CA ASN H 43 -22.11 13.63 79.74
CA ALA H 44 -22.68 13.74 76.01
CA PRO H 45 -26.23 12.91 74.86
CA LYS H 46 -26.84 9.36 73.65
CA LEU H 47 -29.17 8.54 70.76
CA LEU H 48 -32.00 6.50 72.26
CA ILE H 49 -34.17 5.89 69.17
CA TYR H 50 -34.42 7.22 65.63
CA GLY H 51 -37.25 6.83 63.16
CA VAL H 52 -39.61 6.56 66.11
CA SER H 53 -41.02 3.25 64.85
CA ASN H 54 -37.41 1.95 64.76
CA ARG H 55 -34.50 1.56 67.18
CA PRO H 56 -30.70 1.65 66.78
CA SER H 57 -28.43 -1.32 67.29
CA GLY H 58 -26.83 -1.57 70.70
CA VAL H 59 -29.90 -0.05 72.37
CA SER H 60 -32.13 -2.13 74.63
CA SER H 61 -35.61 -3.03 73.41
CA ARG H 62 -37.13 -1.39 76.50
CA PHE H 63 -37.39 1.93 74.62
CA SER H 64 -40.33 2.01 72.21
CA GLY H 65 -41.83 5.09 70.56
CA SER H 66 -44.89 5.96 68.48
CA LYS H 67 -46.34 8.94 66.63
CA SER H 68 -49.99 9.95 66.43
CA GLY H 69 -51.18 13.40 65.39
CA ASN H 70 -49.40 16.49 66.68
CA THR H 71 -47.93 14.50 69.61
CA ALA H 72 -45.49 11.60 69.80
CA SER H 73 -44.72 9.49 72.85
CA LEU H 74 -41.76 7.35 73.89
CA THR H 75 -42.33 4.38 76.21
CA ILE H 76 -39.64 3.06 78.56
CA SER H 77 -40.66 -0.30 80.05
CA GLY H 78 -38.76 -2.03 82.83
CA LEU H 79 -37.33 1.21 84.17
CA GLN H 80 -34.22 1.00 86.37
CA ALA H 81 -32.46 3.46 88.66
CA GLU H 82 -29.60 4.32 86.28
CA ASP H 83 -32.00 5.67 83.63
CA GLU H 84 -32.08 9.05 85.38
CA GLY H 85 -31.19 11.95 83.11
CA ASP H 86 -32.50 14.50 80.67
CA TYR H 87 -34.61 13.37 77.72
CA TYR H 88 -34.93 15.28 74.45
CA CYS H 89 -36.97 14.97 71.26
CA SER H 90 -35.63 16.27 67.94
CA SER H 91 -37.77 16.72 64.83
CA TYR H 92 -37.22 18.35 61.44
CA SER H 93 -39.21 21.58 61.17
CA ILE H 94 -39.80 23.09 57.71
CA SER H 95 -38.59 26.59 58.62
CA SER H 96 -35.57 28.40 59.98
CA THR H 97 -33.87 26.55 62.85
CA LEU H 98 -33.99 23.31 60.87
CA LEU H 99 -33.70 21.10 63.97
CA VAL H 100 -35.82 21.96 67.03
CA PHE H 101 -35.32 20.31 70.42
CA GLY H 102 -37.77 19.88 73.27
CA GLY H 103 -37.95 21.93 76.44
CA GLY H 104 -36.09 19.25 78.39
CA THR H 105 -37.71 16.70 80.70
CA LYS H 106 -35.88 15.56 83.84
CA LEU H 107 -36.79 11.90 84.36
CA SER H 108 -36.90 11.00 88.05
CA VAL H 109 -36.62 7.49 89.52
CA VAL H 110 -37.98 6.80 93.00
#